data_4K6F
#
_entry.id   4K6F
#
_cell.length_a   66.740
_cell.length_b   101.330
_cell.length_c   134.560
_cell.angle_alpha   90.000
_cell.angle_beta   90.000
_cell.angle_gamma   90.000
#
_symmetry.space_group_name_H-M   'P 21 21 21'
#
loop_
_entity.id
_entity.type
_entity.pdbx_description
1 polymer 'Putative Acetoacetyl-CoA reductase'
2 non-polymer 'NADP NICOTINAMIDE-ADENINE-DINUCLEOTIDE PHOSPHATE'
3 water water
#
_entity_poly.entity_id   1
_entity_poly.type   'polypeptide(L)'
_entity_poly.pdbx_seq_one_letter_code
;MAHHHHHHMTKRIAVVTGGMGGLGEAVSIRLNDAGHRVVVTYSPNNTGADRWLTEMHAAGREFHAYPVDVADHDSCQQCI
EKIVRDVGPVDILVNNAGITRDMTLRKLDKVNWDAVIRTNLDSVFNMTKPVCDGMVERGWGRIVNISSVNGSKGSVGQTN
YAAAKAGMHGFTKSLALEIARKGVTVNTVSPGYLATKMVTAIPQDILDTKILPQIPAGRLGKPEEVAALVAYLCSEEAGF
VTGSNIAINGGQHMH
;
_entity_poly.pdbx_strand_id   A,B,C,D
#
loop_
_chem_comp.id
_chem_comp.type
_chem_comp.name
_chem_comp.formula
NAP non-polymer 'NADP NICOTINAMIDE-ADENINE-DINUCLEOTIDE PHOSPHATE' 'C21 H28 N7 O17 P3'
#
# COMPACT_ATOMS: atom_id res chain seq x y z
N LYS A 11 15.25 29.36 -17.47
CA LYS A 11 14.82 27.93 -17.59
C LYS A 11 15.37 27.13 -16.40
N ARG A 12 14.68 26.04 -16.06
CA ARG A 12 15.28 24.98 -15.26
C ARG A 12 16.13 24.11 -16.18
N ILE A 13 17.15 23.48 -15.59
CA ILE A 13 18.01 22.53 -16.28
C ILE A 13 17.62 21.13 -15.80
N ALA A 14 17.34 20.22 -16.74
CA ALA A 14 16.95 18.84 -16.44
C ALA A 14 17.95 17.83 -16.99
N VAL A 15 18.25 16.81 -16.18
CA VAL A 15 19.05 15.67 -16.61
C VAL A 15 18.14 14.44 -16.68
N VAL A 16 18.17 13.73 -17.81
CA VAL A 16 17.42 12.50 -18.00
C VAL A 16 18.41 11.37 -18.28
N THR A 17 18.56 10.44 -17.37
CA THR A 17 19.50 9.33 -17.65
C THR A 17 18.84 8.33 -18.61
N GLY A 18 19.64 7.78 -19.51
CA GLY A 18 19.08 6.97 -20.61
C GLY A 18 18.12 7.74 -21.48
N GLY A 19 18.41 9.02 -21.71
CA GLY A 19 17.45 9.94 -22.31
C GLY A 19 17.35 9.96 -23.82
N MET A 20 18.13 9.13 -24.51
CA MET A 20 18.11 9.13 -25.99
C MET A 20 17.30 8.03 -26.65
N GLY A 21 16.80 7.08 -25.88
CA GLY A 21 15.96 6.01 -26.44
C GLY A 21 14.77 5.73 -25.56
N GLY A 22 13.77 5.06 -26.14
CA GLY A 22 12.64 4.52 -25.41
C GLY A 22 11.90 5.54 -24.56
N LEU A 23 11.55 5.14 -23.36
CA LEU A 23 10.90 6.04 -22.46
C LEU A 23 11.75 7.29 -22.21
N GLY A 24 13.06 7.11 -22.06
CA GLY A 24 13.96 8.24 -21.79
C GLY A 24 13.84 9.33 -22.81
N GLU A 25 13.78 8.94 -24.08
CA GLU A 25 13.63 9.88 -25.21
C GLU A 25 12.32 10.64 -25.13
N ALA A 26 11.26 9.94 -24.79
CA ALA A 26 9.96 10.60 -24.68
C ALA A 26 10.00 11.60 -23.53
N VAL A 27 10.64 11.24 -22.41
CA VAL A 27 10.74 12.17 -21.29
C VAL A 27 11.55 13.42 -21.69
N SER A 28 12.69 13.19 -22.34
CA SER A 28 13.57 14.28 -22.76
C SER A 28 12.88 15.27 -23.67
N ILE A 29 12.17 14.74 -24.66
CA ILE A 29 11.36 15.57 -25.55
C ILE A 29 10.30 16.36 -24.78
N ARG A 30 9.56 15.70 -23.89
CA ARG A 30 8.46 16.38 -23.20
CA ARG A 30 8.48 16.38 -23.20
C ARG A 30 9.00 17.49 -22.29
N LEU A 31 10.10 17.24 -21.59
CA LEU A 31 10.69 18.25 -20.69
C LEU A 31 11.26 19.44 -21.46
N ASN A 32 11.91 19.19 -22.61
CA ASN A 32 12.29 20.29 -23.50
C ASN A 32 11.08 21.12 -23.90
N ASP A 33 10.04 20.44 -24.36
CA ASP A 33 8.81 21.11 -24.80
C ASP A 33 8.06 21.79 -23.67
N ALA A 34 8.38 21.41 -22.42
CA ALA A 34 7.85 22.11 -21.26
C ALA A 34 8.67 23.36 -20.89
N GLY A 35 9.76 23.62 -21.62
CA GLY A 35 10.56 24.84 -21.37
C GLY A 35 11.84 24.63 -20.59
N HIS A 36 12.19 23.37 -20.32
CA HIS A 36 13.43 23.06 -19.64
C HIS A 36 14.58 22.93 -20.64
N ARG A 37 15.78 23.27 -20.16
CA ARG A 37 17.03 22.95 -20.86
C ARG A 37 17.40 21.53 -20.51
N VAL A 38 17.39 20.64 -21.49
CA VAL A 38 17.52 19.22 -21.21
C VAL A 38 18.88 18.65 -21.61
N VAL A 39 19.40 17.83 -20.70
CA VAL A 39 20.62 17.11 -20.88
C VAL A 39 20.28 15.62 -20.75
N VAL A 40 20.81 14.82 -21.67
CA VAL A 40 20.61 13.38 -21.65
C VAL A 40 21.92 12.65 -21.44
N THR A 41 21.85 11.47 -20.84
CA THR A 41 23.01 10.60 -20.72
C THR A 41 22.79 9.33 -21.54
N TYR A 42 23.89 8.72 -21.96
CA TYR A 42 23.83 7.41 -22.60
C TYR A 42 25.02 6.56 -22.18
N SER A 43 24.84 5.24 -22.21
CA SER A 43 25.91 4.30 -21.98
C SER A 43 26.92 4.40 -23.12
N PRO A 44 28.22 4.42 -22.79
CA PRO A 44 29.26 4.38 -23.83
C PRO A 44 29.20 3.10 -24.67
N ALA A 49 26.53 10.44 -30.17
CA ALA A 49 25.21 11.09 -30.02
C ALA A 49 24.88 12.13 -31.12
N ASP A 50 25.77 12.35 -32.08
CA ASP A 50 25.58 13.47 -33.04
C ASP A 50 24.35 13.29 -33.93
N ARG A 51 24.07 12.04 -34.32
CA ARG A 51 22.97 11.78 -35.25
C ARG A 51 21.66 12.17 -34.57
N TRP A 52 21.47 11.69 -33.35
CA TRP A 52 20.29 12.00 -32.56
C TRP A 52 20.23 13.51 -32.24
N LEU A 53 21.34 14.08 -31.81
CA LEU A 53 21.38 15.50 -31.50
C LEU A 53 21.04 16.36 -32.73
N THR A 54 21.52 15.95 -33.89
CA THR A 54 21.30 16.72 -35.11
C THR A 54 19.85 16.61 -35.58
N GLU A 55 19.32 15.40 -35.50
CA GLU A 55 17.89 15.16 -35.77
C GLU A 55 16.97 15.98 -34.86
N MET A 56 17.29 16.02 -33.57
CA MET A 56 16.50 16.78 -32.60
C MET A 56 16.62 18.28 -32.89
N HIS A 57 17.83 18.72 -33.22
CA HIS A 57 18.07 20.10 -33.65
C HIS A 57 17.23 20.51 -34.87
N ALA A 58 17.20 19.63 -35.87
CA ALA A 58 16.39 19.87 -37.09
C ALA A 58 14.92 20.08 -36.69
N ALA A 59 14.48 19.36 -35.66
CA ALA A 59 13.12 19.47 -35.13
C ALA A 59 12.90 20.63 -34.15
N GLY A 60 13.92 21.46 -33.96
CA GLY A 60 13.80 22.67 -33.15
C GLY A 60 14.11 22.46 -31.67
N ARG A 61 14.76 21.35 -31.35
CA ARG A 61 15.10 21.01 -29.96
C ARG A 61 16.62 20.89 -29.75
N GLU A 62 17.16 21.69 -28.83
CA GLU A 62 18.59 21.72 -28.51
C GLU A 62 18.85 20.94 -27.21
N PHE A 63 19.51 19.78 -27.34
CA PHE A 63 19.95 18.98 -26.20
C PHE A 63 21.46 19.00 -26.04
N HIS A 64 21.91 18.57 -24.87
CA HIS A 64 23.28 18.16 -24.63
C HIS A 64 23.21 16.69 -24.30
N ALA A 65 24.23 15.95 -24.73
CA ALA A 65 24.34 14.52 -24.45
C ALA A 65 25.71 14.18 -23.85
N TYR A 66 25.71 13.34 -22.81
CA TYR A 66 26.94 12.88 -22.18
C TYR A 66 26.97 11.38 -22.04
N PRO A 67 28.11 10.76 -22.35
CA PRO A 67 28.24 9.34 -22.03
C PRO A 67 28.51 9.16 -20.53
N VAL A 68 27.90 8.15 -19.92
CA VAL A 68 28.04 7.92 -18.48
C VAL A 68 27.78 6.45 -18.16
N ASP A 69 28.48 5.90 -17.17
CA ASP A 69 28.14 4.61 -16.59
C ASP A 69 27.46 4.88 -15.26
N VAL A 70 26.13 4.75 -15.22
CA VAL A 70 25.38 5.11 -14.02
C VAL A 70 25.66 4.17 -12.84
N ALA A 71 26.21 2.98 -13.12
CA ALA A 71 26.64 2.08 -12.04
C ALA A 71 27.92 2.56 -11.37
N ASP A 72 28.64 3.47 -12.01
CA ASP A 72 29.93 3.92 -11.51
C ASP A 72 29.83 5.30 -10.88
N HIS A 73 30.09 5.36 -9.58
CA HIS A 73 29.96 6.58 -8.78
C HIS A 73 30.79 7.72 -9.36
N ASP A 74 32.05 7.45 -9.72
CA ASP A 74 32.94 8.52 -10.17
C ASP A 74 32.53 9.01 -11.56
N SER A 75 32.09 8.09 -12.40
CA SER A 75 31.60 8.45 -13.72
C SER A 75 30.46 9.45 -13.61
N CYS A 76 29.55 9.19 -12.66
CA CYS A 76 28.41 10.08 -12.44
C CYS A 76 28.82 11.47 -11.91
N GLN A 77 29.73 11.49 -10.94
CA GLN A 77 30.22 12.74 -10.37
C GLN A 77 30.90 13.58 -11.46
N GLN A 78 31.73 12.95 -12.28
CA GLN A 78 32.43 13.66 -13.35
C GLN A 78 31.46 14.18 -14.41
N CYS A 79 30.39 13.42 -14.70
CA CYS A 79 29.40 13.82 -15.69
C CYS A 79 28.67 15.09 -15.24
N ILE A 80 28.24 15.08 -14.00
CA ILE A 80 27.53 16.21 -13.43
C ILE A 80 28.42 17.46 -13.43
N GLU A 81 29.72 17.30 -13.18
CA GLU A 81 30.67 18.43 -13.27
C GLU A 81 30.67 19.08 -14.64
N LYS A 82 30.68 18.26 -15.69
CA LYS A 82 30.66 18.76 -17.07
C LYS A 82 29.36 19.47 -17.37
N ILE A 83 28.26 18.93 -16.86
CA ILE A 83 26.96 19.54 -17.08
C ILE A 83 26.86 20.92 -16.43
N VAL A 84 27.35 21.05 -15.20
CA VAL A 84 27.30 22.33 -14.52
C VAL A 84 28.18 23.35 -15.28
N ARG A 85 29.27 22.88 -15.87
CA ARG A 85 30.16 23.75 -16.64
C ARG A 85 29.52 24.19 -17.95
N ASP A 86 29.03 23.21 -18.70
CA ASP A 86 28.56 23.44 -20.07
C ASP A 86 27.18 24.07 -20.14
N VAL A 87 26.33 23.74 -19.16
CA VAL A 87 24.90 24.12 -19.17
C VAL A 87 24.58 24.98 -17.94
N GLY A 88 24.76 24.41 -16.76
CA GLY A 88 24.51 25.08 -15.48
C GLY A 88 24.03 24.11 -14.40
N PRO A 89 23.66 24.64 -13.24
CA PRO A 89 23.29 23.81 -12.09
C PRO A 89 22.05 23.00 -12.39
N VAL A 90 22.01 21.78 -11.91
CA VAL A 90 20.89 20.87 -12.22
C VAL A 90 19.69 21.09 -11.29
N ASP A 91 18.55 21.40 -11.87
CA ASP A 91 17.31 21.62 -11.13
C ASP A 91 16.41 20.39 -11.04
N ILE A 92 16.46 19.56 -12.10
CA ILE A 92 15.58 18.42 -12.30
C ILE A 92 16.45 17.21 -12.65
N LEU A 93 16.21 16.10 -11.97
CA LEU A 93 16.88 14.81 -12.29
C LEU A 93 15.81 13.74 -12.46
N VAL A 94 15.79 13.10 -13.62
CA VAL A 94 14.99 11.91 -13.86
C VAL A 94 15.92 10.70 -13.95
N ASN A 95 15.86 9.84 -12.93
CA ASN A 95 16.58 8.58 -12.95
C ASN A 95 15.81 7.53 -13.72
N ASN A 96 16.07 7.47 -15.02
CA ASN A 96 15.40 6.54 -15.94
C ASN A 96 16.24 5.34 -16.37
N ALA A 97 17.57 5.47 -16.35
CA ALA A 97 18.41 4.37 -16.80
C ALA A 97 18.14 3.10 -15.99
N GLY A 98 18.09 1.98 -16.71
CA GLY A 98 17.88 0.69 -16.10
C GLY A 98 17.92 -0.40 -17.15
N ILE A 99 18.24 -1.61 -16.71
CA ILE A 99 18.32 -2.81 -17.56
C ILE A 99 17.56 -3.96 -16.91
N THR A 100 17.27 -4.99 -17.71
CA THR A 100 16.76 -6.23 -17.18
C THR A 100 17.75 -7.34 -17.49
N ARG A 101 17.82 -8.29 -16.57
CA ARG A 101 18.57 -9.54 -16.79
C ARG A 101 17.73 -10.67 -16.21
N ASP A 102 16.61 -10.96 -16.89
CA ASP A 102 15.58 -11.82 -16.33
C ASP A 102 16.06 -13.26 -16.24
N MET A 103 15.86 -13.87 -15.08
CA MET A 103 16.16 -15.30 -14.85
C MET A 103 15.51 -15.71 -13.54
N THR A 104 14.89 -16.87 -13.50
CA THR A 104 14.37 -17.38 -12.22
C THR A 104 15.50 -17.51 -11.18
N LEU A 105 15.16 -17.39 -9.90
CA LEU A 105 16.20 -17.49 -8.86
C LEU A 105 17.06 -18.75 -9.00
N ARG A 106 16.41 -19.89 -9.31
CA ARG A 106 17.07 -21.18 -9.49
C ARG A 106 18.26 -21.07 -10.45
N LYS A 107 18.13 -20.24 -11.48
CA LYS A 107 19.14 -20.14 -12.52
C LYS A 107 19.91 -18.82 -12.56
N LEU A 108 19.54 -17.87 -11.69
CA LEU A 108 20.09 -16.51 -11.76
C LEU A 108 21.48 -16.54 -11.15
N ASP A 109 22.48 -16.06 -11.87
CA ASP A 109 23.82 -15.98 -11.26
C ASP A 109 24.11 -14.63 -10.61
N LYS A 110 25.12 -14.61 -9.74
CA LYS A 110 25.54 -13.39 -9.04
C LYS A 110 25.87 -12.24 -9.99
N VAL A 111 26.52 -12.54 -11.11
CA VAL A 111 26.84 -11.51 -12.10
C VAL A 111 25.60 -10.73 -12.57
N ASN A 112 24.53 -11.46 -12.85
CA ASN A 112 23.29 -10.84 -13.33
C ASN A 112 22.38 -10.32 -12.23
N TRP A 113 22.50 -10.81 -11.00
CA TRP A 113 21.93 -10.11 -9.85
C TRP A 113 22.63 -8.75 -9.75
N ASP A 114 23.94 -8.77 -9.69
CA ASP A 114 24.73 -7.55 -9.49
C ASP A 114 24.48 -6.53 -10.59
N ALA A 115 24.46 -6.98 -11.84
CA ALA A 115 24.33 -6.05 -12.97
C ALA A 115 23.06 -5.20 -12.81
N VAL A 116 21.97 -5.86 -12.41
CA VAL A 116 20.69 -5.18 -12.24
C VAL A 116 20.63 -4.28 -10.96
N ILE A 117 21.09 -4.77 -9.81
CA ILE A 117 21.15 -3.93 -8.59
C ILE A 117 22.06 -2.71 -8.84
N ARG A 118 23.24 -2.92 -9.42
CA ARG A 118 24.13 -1.78 -9.62
C ARG A 118 23.67 -0.77 -10.68
N THR A 119 23.11 -1.26 -11.77
CA THR A 119 22.67 -0.38 -12.82
C THR A 119 21.35 0.34 -12.49
N ASN A 120 20.45 -0.38 -11.80
CA ASN A 120 19.10 0.13 -11.59
C ASN A 120 18.90 0.85 -10.25
N LEU A 121 19.61 0.39 -9.22
CA LEU A 121 19.49 0.92 -7.85
C LEU A 121 20.68 1.77 -7.41
N ASP A 122 21.91 1.28 -7.57
CA ASP A 122 23.06 2.11 -7.21
C ASP A 122 23.07 3.43 -7.99
N SER A 123 22.60 3.38 -9.23
CA SER A 123 22.53 4.56 -10.09
C SER A 123 21.74 5.69 -9.42
N VAL A 124 20.70 5.34 -8.67
CA VAL A 124 19.90 6.35 -8.02
C VAL A 124 20.77 7.15 -7.02
N PHE A 125 21.54 6.44 -6.21
CA PHE A 125 22.51 7.08 -5.30
C PHE A 125 23.58 7.85 -6.10
N ASN A 126 24.15 7.19 -7.10
CA ASN A 126 25.26 7.79 -7.85
C ASN A 126 24.89 9.09 -8.58
N MET A 127 23.68 9.16 -9.14
CA MET A 127 23.27 10.32 -9.92
C MET A 127 22.66 11.39 -9.03
N THR A 128 22.00 10.98 -7.93
CA THR A 128 21.25 11.95 -7.12
C THR A 128 22.16 12.67 -6.12
N LYS A 129 23.15 11.97 -5.55
CA LYS A 129 24.02 12.61 -4.60
C LYS A 129 24.67 13.89 -5.12
N PRO A 130 25.26 13.86 -6.34
CA PRO A 130 25.95 15.08 -6.82
C PRO A 130 25.08 16.26 -7.24
N VAL A 131 23.76 16.08 -7.29
CA VAL A 131 22.86 17.22 -7.61
C VAL A 131 22.00 17.77 -6.48
N CYS A 132 21.90 17.02 -5.40
CA CYS A 132 20.93 17.34 -4.36
CA CYS A 132 20.96 17.36 -4.33
C CYS A 132 21.33 18.60 -3.56
N ASP A 133 22.61 18.77 -3.27
CA ASP A 133 23.01 19.90 -2.44
C ASP A 133 22.66 21.23 -3.10
N GLY A 134 22.88 21.33 -4.41
CA GLY A 134 22.56 22.55 -5.14
C GLY A 134 21.07 22.85 -5.09
N MET A 135 20.25 21.83 -5.30
CA MET A 135 18.81 21.99 -5.20
C MET A 135 18.39 22.55 -3.84
N VAL A 136 18.92 21.96 -2.77
CA VAL A 136 18.60 22.38 -1.42
C VAL A 136 19.06 23.83 -1.17
N GLU A 137 20.31 24.13 -1.55
CA GLU A 137 20.87 25.49 -1.44
C GLU A 137 19.97 26.52 -2.09
N ARG A 138 19.46 26.21 -3.28
CA ARG A 138 18.62 27.15 -4.02
C ARG A 138 17.16 27.14 -3.58
N GLY A 139 16.74 26.13 -2.84
CA GLY A 139 15.36 26.06 -2.41
C GLY A 139 14.36 25.55 -3.44
N TRP A 140 14.83 24.79 -4.42
CA TRP A 140 13.93 24.21 -5.42
C TRP A 140 14.62 23.08 -6.14
N GLY A 141 13.86 21.99 -6.31
CA GLY A 141 14.35 20.90 -7.13
C GLY A 141 13.29 19.82 -7.32
N ARG A 142 13.54 18.96 -8.30
CA ARG A 142 12.64 17.86 -8.62
C ARG A 142 13.48 16.62 -8.94
N ILE A 143 13.28 15.54 -8.20
CA ILE A 143 13.93 14.25 -8.48
C ILE A 143 12.81 13.23 -8.74
N VAL A 144 12.87 12.57 -9.90
CA VAL A 144 11.86 11.56 -10.30
C VAL A 144 12.57 10.25 -10.65
N ASN A 145 12.19 9.20 -9.93
CA ASN A 145 12.75 7.87 -10.08
C ASN A 145 11.78 7.00 -10.87
N ILE A 146 12.22 6.49 -12.01
CA ILE A 146 11.38 5.65 -12.86
C ILE A 146 11.53 4.22 -12.40
N SER A 147 10.47 3.69 -11.81
CA SER A 147 10.42 2.32 -11.30
C SER A 147 9.67 1.45 -12.34
N SER A 148 8.81 0.55 -11.87
CA SER A 148 8.05 -0.35 -12.74
C SER A 148 6.91 -0.93 -11.95
N VAL A 149 5.83 -1.24 -12.64
CA VAL A 149 4.74 -2.03 -12.04
C VAL A 149 5.29 -3.30 -11.37
N ASN A 150 6.37 -3.85 -11.92
CA ASN A 150 6.93 -5.12 -11.41
C ASN A 150 7.64 -4.96 -10.07
N GLY A 151 8.03 -3.72 -9.73
CA GLY A 151 8.44 -3.41 -8.38
C GLY A 151 7.31 -3.48 -7.39
N SER A 152 6.11 -3.06 -7.81
CA SER A 152 4.93 -3.13 -6.94
C SER A 152 4.39 -4.54 -6.79
N LYS A 153 4.31 -5.28 -7.88
CA LYS A 153 3.66 -6.59 -7.82
C LYS A 153 4.56 -7.82 -7.82
N GLY A 154 5.85 -7.65 -8.13
CA GLY A 154 6.77 -8.76 -8.33
C GLY A 154 6.54 -9.35 -9.73
N SER A 155 7.52 -10.08 -10.25
CA SER A 155 7.34 -10.83 -11.48
C SER A 155 8.28 -12.03 -11.52
N VAL A 156 7.82 -13.13 -12.10
CA VAL A 156 8.66 -14.31 -12.29
C VAL A 156 9.88 -13.95 -13.14
N GLY A 157 11.03 -14.42 -12.70
CA GLY A 157 12.32 -14.12 -13.32
C GLY A 157 12.91 -12.75 -12.99
N GLN A 158 12.28 -12.03 -12.07
CA GLN A 158 12.69 -10.68 -11.72
C GLN A 158 12.86 -10.51 -10.22
N THR A 159 13.48 -11.47 -9.54
CA THR A 159 13.92 -11.20 -8.18
C THR A 159 14.91 -10.02 -8.17
N ASN A 160 15.79 -9.97 -9.16
CA ASN A 160 16.73 -8.86 -9.27
C ASN A 160 16.08 -7.54 -9.60
N TYR A 161 15.20 -7.54 -10.61
CA TYR A 161 14.63 -6.30 -11.13
C TYR A 161 13.63 -5.72 -10.16
N ALA A 162 12.81 -6.59 -9.54
CA ALA A 162 11.84 -6.10 -8.56
C ALA A 162 12.55 -5.60 -7.30
N ALA A 163 13.62 -6.27 -6.89
CA ALA A 163 14.39 -5.81 -5.73
C ALA A 163 14.96 -4.40 -6.01
N ALA A 164 15.52 -4.20 -7.20
CA ALA A 164 16.12 -2.92 -7.55
C ALA A 164 15.06 -1.83 -7.64
N LYS A 165 13.95 -2.13 -8.32
CA LYS A 165 12.89 -1.15 -8.57
C LYS A 165 12.10 -0.84 -7.31
N ALA A 166 11.85 -1.83 -6.45
CA ALA A 166 11.25 -1.55 -5.15
C ALA A 166 12.21 -0.74 -4.28
N GLY A 167 13.50 -1.06 -4.37
CA GLY A 167 14.49 -0.33 -3.59
C GLY A 167 14.55 1.14 -3.97
N MET A 168 14.36 1.43 -5.25
CA MET A 168 14.31 2.80 -5.68
CA MET A 168 14.26 2.83 -5.73
C MET A 168 13.28 3.63 -4.89
N HIS A 169 12.11 3.05 -4.63
CA HIS A 169 11.08 3.78 -3.89
C HIS A 169 11.42 3.89 -2.37
N GLY A 170 12.12 2.92 -1.80
CA GLY A 170 12.66 3.13 -0.44
C GLY A 170 13.59 4.35 -0.41
N PHE A 171 14.45 4.47 -1.41
CA PHE A 171 15.30 5.65 -1.55
C PHE A 171 14.45 6.91 -1.67
N THR A 172 13.44 6.89 -2.54
CA THR A 172 12.54 8.05 -2.69
C THR A 172 12.00 8.56 -1.34
N LYS A 173 11.50 7.64 -0.53
CA LYS A 173 10.84 8.03 0.72
C LYS A 173 11.81 8.63 1.73
N SER A 174 12.95 7.97 1.94
CA SER A 174 13.96 8.50 2.83
C SER A 174 14.48 9.86 2.38
N LEU A 175 14.81 10.00 1.11
CA LEU A 175 15.37 11.27 0.64
C LEU A 175 14.32 12.37 0.74
N ALA A 176 13.07 12.04 0.43
CA ALA A 176 11.98 13.01 0.45
C ALA A 176 11.90 13.62 1.84
N LEU A 177 12.03 12.80 2.89
CA LEU A 177 12.02 13.27 4.27
C LEU A 177 13.19 14.16 4.60
N GLU A 178 14.35 13.91 3.99
CA GLU A 178 15.54 14.70 4.25
C GLU A 178 15.47 16.12 3.75
N ILE A 179 14.79 16.32 2.62
CA ILE A 179 14.89 17.57 1.87
C ILE A 179 13.54 18.26 1.53
N ALA A 180 12.40 17.68 1.94
CA ALA A 180 11.09 18.31 1.69
C ALA A 180 11.02 19.77 2.17
N ARG A 181 11.63 20.08 3.31
CA ARG A 181 11.51 21.41 3.91
C ARG A 181 12.25 22.49 3.12
N LYS A 182 13.11 22.06 2.21
CA LYS A 182 13.91 22.96 1.41
C LYS A 182 13.42 23.06 -0.04
N GLY A 183 12.18 22.67 -0.31
CA GLY A 183 11.60 22.90 -1.64
C GLY A 183 11.99 21.91 -2.70
N VAL A 184 12.54 20.77 -2.30
CA VAL A 184 12.85 19.71 -3.24
C VAL A 184 11.86 18.57 -3.08
N THR A 185 11.28 18.09 -4.18
CA THR A 185 10.47 16.89 -4.09
C THR A 185 11.16 15.70 -4.72
N VAL A 186 10.82 14.52 -4.20
CA VAL A 186 11.34 13.23 -4.68
C VAL A 186 10.15 12.28 -4.85
N ASN A 187 9.94 11.75 -6.05
CA ASN A 187 8.81 10.86 -6.32
C ASN A 187 9.19 9.71 -7.22
N THR A 188 8.45 8.61 -7.13
CA THR A 188 8.63 7.45 -7.98
C THR A 188 7.45 7.38 -8.97
N VAL A 189 7.73 7.01 -10.22
CA VAL A 189 6.73 6.73 -11.23
C VAL A 189 6.88 5.27 -11.64
N SER A 190 5.80 4.51 -11.60
CA SER A 190 5.78 3.06 -11.87
C SER A 190 4.95 2.72 -13.11
N PRO A 191 5.61 2.69 -14.28
CA PRO A 191 4.86 2.38 -15.50
C PRO A 191 4.55 0.90 -15.70
N GLY A 192 3.43 0.66 -16.40
CA GLY A 192 3.08 -0.64 -16.93
C GLY A 192 3.71 -0.88 -18.31
N TYR A 193 3.01 -1.66 -19.14
CA TYR A 193 3.47 -1.98 -20.49
C TYR A 193 3.38 -0.76 -21.39
N LEU A 194 4.51 -0.40 -22.00
CA LEU A 194 4.61 0.75 -22.87
C LEU A 194 4.94 0.35 -24.31
N ALA A 195 4.42 1.13 -25.26
CA ALA A 195 4.74 0.99 -26.68
C ALA A 195 6.09 1.58 -27.09
N THR A 196 7.14 1.17 -26.39
CA THR A 196 8.53 1.37 -26.84
C THR A 196 8.91 0.31 -27.90
N LYS A 197 10.02 0.54 -28.60
CA LYS A 197 10.49 -0.32 -29.71
C LYS A 197 10.49 -1.84 -29.44
N MET A 198 11.05 -2.27 -28.32
CA MET A 198 11.17 -3.71 -28.03
C MET A 198 9.84 -4.39 -27.65
N VAL A 199 8.83 -3.59 -27.32
CA VAL A 199 7.49 -4.08 -26.99
C VAL A 199 6.59 -4.10 -28.23
N THR A 200 6.73 -3.08 -29.07
CA THR A 200 5.97 -3.01 -30.33
C THR A 200 6.54 -3.98 -31.36
N ALA A 201 7.76 -4.49 -31.11
CA ALA A 201 8.34 -5.55 -31.94
C ALA A 201 7.63 -6.88 -31.69
N ILE A 202 6.93 -7.00 -30.56
CA ILE A 202 6.15 -8.20 -30.26
C ILE A 202 5.07 -8.41 -31.34
N PRO A 203 4.98 -9.62 -31.90
CA PRO A 203 3.96 -9.83 -32.93
C PRO A 203 2.56 -9.58 -32.39
N GLN A 204 1.69 -9.01 -33.22
CA GLN A 204 0.33 -8.63 -32.82
C GLN A 204 -0.46 -9.80 -32.21
N ASP A 205 -0.29 -11.00 -32.73
CA ASP A 205 -0.96 -12.17 -32.16
C ASP A 205 -0.53 -12.42 -30.70
N ILE A 206 0.74 -12.19 -30.39
CA ILE A 206 1.25 -12.38 -29.02
C ILE A 206 0.82 -11.22 -28.12
N LEU A 207 0.88 -10.00 -28.64
CA LEU A 207 0.36 -8.84 -27.92
C LEU A 207 -1.13 -9.05 -27.56
N ASP A 208 -1.93 -9.45 -28.55
CA ASP A 208 -3.37 -9.65 -28.34
C ASP A 208 -3.73 -10.77 -27.35
N THR A 209 -2.98 -11.86 -27.37
CA THR A 209 -3.33 -13.03 -26.57
C THR A 209 -2.58 -13.12 -25.23
N LYS A 210 -1.41 -12.48 -25.14
CA LYS A 210 -0.55 -12.63 -23.95
C LYS A 210 -0.37 -11.34 -23.12
N ILE A 211 -0.23 -10.19 -23.78
CA ILE A 211 0.08 -8.96 -23.05
C ILE A 211 -1.19 -8.16 -22.75
N LEU A 212 -1.94 -7.82 -23.79
CA LEU A 212 -3.12 -6.98 -23.61
C LEU A 212 -4.18 -7.50 -22.60
N PRO A 213 -4.37 -8.84 -22.50
CA PRO A 213 -5.34 -9.31 -21.50
C PRO A 213 -4.94 -9.00 -20.04
N GLN A 214 -3.68 -8.66 -19.81
CA GLN A 214 -3.21 -8.22 -18.48
C GLN A 214 -3.55 -6.78 -18.13
N ILE A 215 -4.00 -6.05 -19.13
CA ILE A 215 -4.19 -4.57 -19.05
C ILE A 215 -5.67 -4.24 -19.24
N PRO A 216 -6.36 -3.82 -18.16
CA PRO A 216 -7.79 -3.46 -18.29
C PRO A 216 -8.06 -2.41 -19.40
N ALA A 217 -7.16 -1.46 -19.56
CA ALA A 217 -7.31 -0.46 -20.63
C ALA A 217 -7.35 -1.06 -22.03
N GLY A 218 -6.79 -2.26 -22.19
CA GLY A 218 -6.88 -2.97 -23.48
C GLY A 218 -5.88 -2.53 -24.54
N ARG A 219 -4.88 -1.73 -24.14
CA ARG A 219 -3.86 -1.20 -25.02
C ARG A 219 -2.57 -0.97 -24.25
N LEU A 220 -1.47 -0.86 -25.00
CA LEU A 220 -0.19 -0.38 -24.46
C LEU A 220 -0.25 1.10 -24.05
N GLY A 221 0.52 1.48 -23.03
CA GLY A 221 0.66 2.90 -22.69
C GLY A 221 1.61 3.54 -23.69
N LYS A 222 1.40 4.81 -23.99
CA LYS A 222 2.34 5.54 -24.85
C LYS A 222 3.50 6.08 -23.99
N PRO A 223 4.76 5.92 -24.46
CA PRO A 223 5.85 6.59 -23.73
C PRO A 223 5.53 8.08 -23.48
N GLU A 224 4.86 8.74 -24.44
CA GLU A 224 4.50 10.16 -24.28
C GLU A 224 3.56 10.41 -23.09
N GLU A 225 2.72 9.41 -22.73
CA GLU A 225 1.82 9.54 -21.57
C GLU A 225 2.61 9.52 -20.27
N VAL A 226 3.57 8.62 -20.18
CA VAL A 226 4.47 8.58 -19.03
C VAL A 226 5.28 9.87 -18.97
N ALA A 227 5.78 10.33 -20.12
CA ALA A 227 6.52 11.59 -20.15
C ALA A 227 5.67 12.78 -19.62
N ALA A 228 4.41 12.82 -19.99
CA ALA A 228 3.48 13.86 -19.50
C ALA A 228 3.35 13.85 -17.97
N LEU A 229 3.30 12.67 -17.37
CA LEU A 229 3.25 12.56 -15.90
C LEU A 229 4.52 13.09 -15.25
N VAL A 230 5.66 12.74 -15.87
CA VAL A 230 6.95 13.19 -15.36
C VAL A 230 7.01 14.74 -15.50
N ALA A 231 6.56 15.27 -16.62
CA ALA A 231 6.48 16.74 -16.79
C ALA A 231 5.61 17.39 -15.73
N TYR A 232 4.45 16.79 -15.42
CA TYR A 232 3.62 17.26 -14.31
C TYR A 232 4.42 17.30 -13.00
N LEU A 233 5.08 16.21 -12.66
CA LEU A 233 5.83 16.15 -11.39
C LEU A 233 6.96 17.21 -11.32
N CYS A 234 7.56 17.52 -12.48
CA CYS A 234 8.67 18.43 -12.56
C CYS A 234 8.22 19.87 -12.64
N SER A 235 6.91 20.11 -12.69
CA SER A 235 6.39 21.46 -12.82
C SER A 235 6.37 22.22 -11.50
N GLU A 236 6.20 23.54 -11.63
CA GLU A 236 6.16 24.44 -10.50
C GLU A 236 4.92 24.11 -9.60
N GLU A 237 3.85 23.60 -10.19
CA GLU A 237 2.61 23.35 -9.45
C GLU A 237 2.53 21.98 -8.75
N ALA A 238 3.56 21.13 -8.87
CA ALA A 238 3.58 19.80 -8.20
C ALA A 238 4.43 19.79 -6.89
N GLY A 239 4.69 20.95 -6.35
CA GLY A 239 5.49 21.09 -5.15
C GLY A 239 5.02 20.45 -3.84
N PHE A 240 3.72 20.13 -3.75
CA PHE A 240 3.18 19.41 -2.59
C PHE A 240 3.09 17.88 -2.77
N VAL A 241 3.62 17.37 -3.87
CA VAL A 241 3.68 15.91 -4.09
C VAL A 241 5.10 15.47 -3.79
N THR A 242 5.29 14.69 -2.72
CA THR A 242 6.62 14.14 -2.46
C THR A 242 6.52 12.85 -1.69
N GLY A 243 7.48 11.98 -1.95
CA GLY A 243 7.53 10.67 -1.37
C GLY A 243 6.52 9.70 -1.92
N SER A 244 5.91 10.02 -3.06
CA SER A 244 4.84 9.21 -3.61
C SER A 244 5.35 8.22 -4.66
N ASN A 245 4.55 7.19 -4.93
CA ASN A 245 4.77 6.26 -6.05
C ASN A 245 3.53 6.24 -6.91
N ILE A 246 3.59 6.87 -8.08
CA ILE A 246 2.44 7.02 -8.94
C ILE A 246 2.42 5.95 -10.03
N ALA A 247 1.35 5.18 -10.04
CA ALA A 247 1.13 4.09 -11.00
C ALA A 247 0.52 4.60 -12.29
N ILE A 248 1.14 4.22 -13.41
CA ILE A 248 0.65 4.55 -14.74
C ILE A 248 0.71 3.26 -15.57
N ASN A 249 -0.32 2.45 -15.41
CA ASN A 249 -0.27 1.05 -15.90
C ASN A 249 -1.58 0.51 -16.53
N GLY A 250 -2.51 1.40 -16.85
CA GLY A 250 -3.75 1.01 -17.52
C GLY A 250 -4.64 0.09 -16.70
N GLY A 251 -4.44 0.11 -15.37
CA GLY A 251 -5.16 -0.74 -14.45
C GLY A 251 -4.55 -2.11 -14.20
N GLN A 252 -3.37 -2.37 -14.74
CA GLN A 252 -2.72 -3.70 -14.62
C GLN A 252 -2.53 -4.10 -13.16
N HIS A 253 -2.25 -3.12 -12.30
CA HIS A 253 -2.12 -3.33 -10.85
C HIS A 253 -2.72 -2.15 -10.10
N MET A 254 -3.42 -2.49 -9.02
CA MET A 254 -4.07 -1.53 -8.12
C MET A 254 -3.81 -1.99 -6.70
N HIS A 255 -3.85 -1.08 -5.72
CA HIS A 255 -3.63 -1.48 -4.31
C HIS A 255 -4.27 -0.55 -3.30
N LYS B 11 11.08 -33.43 11.97
CA LYS B 11 11.38 -32.04 12.41
C LYS B 11 11.88 -31.25 11.21
N ARG B 12 11.41 -30.03 11.08
CA ARG B 12 11.90 -29.13 10.06
C ARG B 12 13.24 -28.59 10.54
N ILE B 13 14.14 -28.33 9.60
CA ILE B 13 15.42 -27.68 9.87
C ILE B 13 15.30 -26.19 9.43
N ALA B 14 15.65 -25.30 10.36
CA ALA B 14 15.58 -23.84 10.18
C ALA B 14 16.95 -23.20 10.26
N VAL B 15 17.23 -22.26 9.35
CA VAL B 15 18.45 -21.48 9.38
C VAL B 15 18.04 -20.03 9.66
N VAL B 16 18.69 -19.40 10.65
CA VAL B 16 18.38 -18.04 11.08
C VAL B 16 19.66 -17.25 11.01
N THR B 17 19.77 -16.37 10.03
CA THR B 17 20.98 -15.57 9.88
C THR B 17 21.00 -14.46 10.93
N GLY B 18 22.18 -14.11 11.41
CA GLY B 18 22.26 -13.20 12.58
C GLY B 18 21.57 -13.79 13.80
N GLY B 19 21.61 -15.12 13.92
CA GLY B 19 20.83 -15.84 14.93
C GLY B 19 21.29 -15.73 16.37
N MET B 20 22.46 -15.16 16.62
CA MET B 20 23.05 -15.18 17.97
C MET B 20 22.83 -13.97 18.85
N GLY B 21 22.35 -12.87 18.30
CA GLY B 21 22.12 -11.66 19.11
C GLY B 21 20.76 -11.07 18.82
N GLY B 22 20.32 -10.09 19.63
CA GLY B 22 19.11 -9.32 19.38
C GLY B 22 17.88 -10.06 18.89
N LEU B 23 17.27 -9.55 17.82
CA LEU B 23 16.08 -10.17 17.29
C LEU B 23 16.34 -11.60 16.80
N GLY B 24 17.49 -11.82 16.15
CA GLY B 24 17.85 -13.16 15.68
C GLY B 24 17.81 -14.21 16.78
N GLU B 25 18.36 -13.88 17.94
CA GLU B 25 18.37 -14.85 19.05
C GLU B 25 16.95 -15.18 19.49
N ALA B 26 16.11 -14.17 19.56
CA ALA B 26 14.75 -14.40 19.93
C ALA B 26 14.04 -15.33 18.93
N VAL B 27 14.27 -15.10 17.64
CA VAL B 27 13.71 -15.93 16.59
C VAL B 27 14.22 -17.36 16.76
N SER B 28 15.52 -17.51 17.00
CA SER B 28 16.13 -18.83 17.07
C SER B 28 15.56 -19.62 18.25
N ILE B 29 15.44 -18.98 19.40
CA ILE B 29 14.80 -19.60 20.57
C ILE B 29 13.37 -20.02 20.31
N ARG B 30 12.58 -19.13 19.69
CA ARG B 30 11.19 -19.43 19.40
C ARG B 30 11.03 -20.61 18.45
N LEU B 31 11.80 -20.61 17.37
CA LEU B 31 11.73 -21.72 16.41
C LEU B 31 12.16 -23.03 17.06
N ASN B 32 13.18 -22.98 17.92
CA ASN B 32 13.58 -24.19 18.65
C ASN B 32 12.40 -24.69 19.48
N ASP B 33 11.75 -23.78 20.19
CA ASP B 33 10.68 -24.17 21.10
C ASP B 33 9.41 -24.57 20.35
N ALA B 34 9.32 -24.16 19.09
CA ALA B 34 8.27 -24.60 18.17
C ALA B 34 8.50 -26.03 17.67
N GLY B 35 9.66 -26.60 17.96
CA GLY B 35 10.00 -27.97 17.59
C GLY B 35 10.96 -28.13 16.42
N HIS B 36 11.39 -27.02 15.82
CA HIS B 36 12.33 -27.10 14.70
C HIS B 36 13.77 -27.31 15.17
N ARG B 37 14.58 -27.91 14.31
CA ARG B 37 16.02 -28.04 14.53
C ARG B 37 16.65 -26.78 13.98
N VAL B 38 17.19 -25.93 14.87
CA VAL B 38 17.65 -24.60 14.48
C VAL B 38 19.17 -24.50 14.32
N VAL B 39 19.56 -23.92 13.19
CA VAL B 39 20.94 -23.61 12.87
C VAL B 39 21.06 -22.09 12.74
N VAL B 40 22.05 -21.49 13.41
CA VAL B 40 22.26 -20.04 13.32
C VAL B 40 23.52 -19.78 12.53
N THR B 41 23.56 -18.66 11.81
CA THR B 41 24.82 -18.18 11.26
C THR B 41 25.34 -17.02 12.12
N TYR B 42 26.65 -16.87 12.09
CA TYR B 42 27.33 -15.75 12.74
C TYR B 42 28.39 -15.20 11.79
N SER B 43 28.65 -13.90 11.90
CA SER B 43 29.63 -13.24 11.05
C SER B 43 31.05 -13.77 11.35
N PRO B 44 31.92 -13.78 10.31
CA PRO B 44 33.17 -14.54 10.43
C PRO B 44 34.07 -14.12 11.57
N ASN B 45 33.98 -12.86 12.01
CA ASN B 45 34.83 -12.36 13.08
C ASN B 45 34.10 -12.20 14.40
N ASN B 46 32.98 -12.92 14.53
CA ASN B 46 32.28 -12.99 15.80
C ASN B 46 33.04 -14.00 16.68
N THR B 47 33.59 -13.49 17.79
CA THR B 47 34.45 -14.25 18.69
C THR B 47 33.74 -15.00 19.84
N GLY B 48 32.43 -15.18 19.75
CA GLY B 48 31.68 -15.78 20.87
C GLY B 48 30.72 -16.91 20.54
N ALA B 49 30.97 -17.62 19.45
CA ALA B 49 30.07 -18.69 19.00
C ALA B 49 29.97 -19.87 19.99
N ASP B 50 31.11 -20.34 20.47
CA ASP B 50 31.12 -21.50 21.38
C ASP B 50 30.53 -21.13 22.75
N ARG B 51 30.79 -19.90 23.21
CA ARG B 51 30.22 -19.41 24.47
C ARG B 51 28.70 -19.28 24.38
N TRP B 52 28.20 -18.85 23.22
CA TRP B 52 26.76 -18.77 22.98
C TRP B 52 26.12 -20.16 23.03
N LEU B 53 26.68 -21.11 22.27
CA LEU B 53 26.13 -22.47 22.22
C LEU B 53 26.12 -23.14 23.60
N THR B 54 27.18 -22.90 24.37
CA THR B 54 27.27 -23.39 25.75
C THR B 54 26.13 -22.82 26.63
N GLU B 55 25.95 -21.51 26.59
CA GLU B 55 24.89 -20.84 27.33
C GLU B 55 23.49 -21.32 26.92
N MET B 56 23.27 -21.50 25.62
CA MET B 56 21.98 -21.99 25.12
C MET B 56 21.76 -23.44 25.53
N HIS B 57 22.80 -24.26 25.46
CA HIS B 57 22.71 -25.66 25.89
C HIS B 57 22.49 -25.76 27.41
N ALA B 58 23.06 -24.84 28.17
CA ALA B 58 22.78 -24.76 29.62
C ALA B 58 21.31 -24.41 29.90
N ALA B 59 20.66 -23.73 28.97
CA ALA B 59 19.23 -23.45 29.07
C ALA B 59 18.36 -24.49 28.34
N GLY B 60 18.98 -25.62 27.95
CA GLY B 60 18.25 -26.77 27.41
C GLY B 60 17.99 -26.73 25.91
N ARG B 61 18.69 -25.85 25.20
CA ARG B 61 18.51 -25.73 23.76
C ARG B 61 19.76 -26.11 22.98
N GLU B 62 19.59 -27.04 22.06
CA GLU B 62 20.67 -27.53 21.21
C GLU B 62 20.62 -26.89 19.81
N PHE B 63 21.54 -25.96 19.57
CA PHE B 63 21.68 -25.31 18.28
C PHE B 63 22.93 -25.80 17.55
N HIS B 64 22.97 -25.57 16.25
CA HIS B 64 24.20 -25.57 15.48
C HIS B 64 24.50 -24.13 15.05
N ALA B 65 25.78 -23.84 14.81
CA ALA B 65 26.22 -22.52 14.38
C ALA B 65 27.36 -22.61 13.38
N TYR B 66 27.23 -21.83 12.30
CA TYR B 66 28.24 -21.79 11.22
C TYR B 66 28.59 -20.34 10.88
N PRO B 67 29.88 -20.05 10.59
CA PRO B 67 30.27 -18.72 10.16
C PRO B 67 29.85 -18.47 8.71
N VAL B 68 29.40 -17.26 8.42
CA VAL B 68 29.13 -16.86 7.03
C VAL B 68 29.29 -15.36 6.92
N ASP B 69 29.70 -14.92 5.73
CA ASP B 69 29.59 -13.52 5.37
C ASP B 69 28.41 -13.43 4.41
N VAL B 70 27.28 -12.92 4.89
CA VAL B 70 26.08 -12.90 4.06
C VAL B 70 26.21 -12.00 2.83
N ALA B 71 27.18 -11.07 2.83
CA ALA B 71 27.41 -10.25 1.64
C ALA B 71 28.18 -10.99 0.52
N ASP B 72 28.69 -12.18 0.82
CA ASP B 72 29.57 -12.93 -0.09
C ASP B 72 28.81 -14.14 -0.65
N HIS B 73 28.55 -14.14 -1.95
CA HIS B 73 27.75 -15.21 -2.59
C HIS B 73 28.30 -16.63 -2.35
N ASP B 74 29.59 -16.80 -2.58
CA ASP B 74 30.23 -18.11 -2.43
C ASP B 74 30.28 -18.55 -0.98
N SER B 75 30.50 -17.61 -0.08
CA SER B 75 30.47 -17.88 1.36
C SER B 75 29.12 -18.52 1.75
N CYS B 76 28.04 -17.94 1.26
CA CYS B 76 26.71 -18.42 1.57
C CYS B 76 26.45 -19.83 1.02
N GLN B 77 26.80 -20.05 -0.25
CA GLN B 77 26.62 -21.35 -0.89
C GLN B 77 27.31 -22.45 -0.10
N GLN B 78 28.54 -22.16 0.31
CA GLN B 78 29.34 -23.13 1.00
C GLN B 78 28.83 -23.43 2.40
N CYS B 79 28.40 -22.36 3.09
CA CYS B 79 27.76 -22.50 4.38
C CYS B 79 26.54 -23.45 4.34
N ILE B 80 25.63 -23.21 3.39
CA ILE B 80 24.44 -24.06 3.26
C ILE B 80 24.88 -25.50 2.95
N GLU B 81 25.89 -25.68 2.10
CA GLU B 81 26.40 -27.04 1.81
C GLU B 81 26.82 -27.77 3.09
N LYS B 82 27.53 -27.07 3.98
CA LYS B 82 27.94 -27.67 5.26
C LYS B 82 26.76 -27.99 6.16
N ILE B 83 25.76 -27.13 6.17
CA ILE B 83 24.56 -27.35 6.98
C ILE B 83 23.82 -28.59 6.48
N VAL B 84 23.68 -28.69 5.17
CA VAL B 84 23.05 -29.85 4.55
C VAL B 84 23.83 -31.13 4.87
N ARG B 85 25.16 -31.08 4.78
CA ARG B 85 26.01 -32.24 5.07
C ARG B 85 25.90 -32.69 6.51
N ASP B 86 25.97 -31.73 7.42
CA ASP B 86 26.07 -32.00 8.85
C ASP B 86 24.74 -32.19 9.59
N VAL B 87 23.74 -31.41 9.20
CA VAL B 87 22.48 -31.31 9.94
C VAL B 87 21.38 -31.92 9.08
N GLY B 88 21.19 -31.37 7.87
CA GLY B 88 20.20 -31.88 6.93
C GLY B 88 19.64 -30.81 6.01
N PRO B 89 18.74 -31.21 5.09
CA PRO B 89 18.14 -30.25 4.18
C PRO B 89 17.41 -29.09 4.90
N VAL B 90 17.54 -27.90 4.33
CA VAL B 90 16.94 -26.70 4.92
C VAL B 90 15.48 -26.54 4.48
N ASP B 91 14.57 -26.62 5.45
CA ASP B 91 13.13 -26.38 5.24
C ASP B 91 12.68 -24.93 5.43
N ILE B 92 13.35 -24.22 6.34
CA ILE B 92 13.00 -22.87 6.74
C ILE B 92 14.23 -21.98 6.75
N LEU B 93 14.13 -20.80 6.15
CA LEU B 93 15.20 -19.81 6.19
C LEU B 93 14.62 -18.46 6.66
N VAL B 94 15.25 -17.88 7.66
CA VAL B 94 14.92 -16.54 8.13
C VAL B 94 16.10 -15.64 7.84
N ASN B 95 15.91 -14.74 6.87
CA ASN B 95 16.91 -13.73 6.50
C ASN B 95 16.81 -12.51 7.42
N ASN B 96 17.58 -12.56 8.50
CA ASN B 96 17.54 -11.58 9.58
C ASN B 96 18.78 -10.72 9.68
N ALA B 97 19.90 -11.22 9.17
CA ALA B 97 21.14 -10.45 9.20
C ALA B 97 20.96 -9.10 8.48
N GLY B 98 21.53 -8.05 9.07
CA GLY B 98 21.48 -6.72 8.51
C GLY B 98 22.25 -5.73 9.38
N ILE B 99 22.63 -4.61 8.79
CA ILE B 99 23.33 -3.54 9.50
C ILE B 99 22.71 -2.19 9.17
N THR B 100 23.03 -1.19 9.98
CA THR B 100 22.73 0.20 9.62
C THR B 100 24.04 0.97 9.56
N ARG B 101 24.11 1.85 8.58
CA ARG B 101 25.20 2.84 8.45
C ARG B 101 24.53 4.17 8.05
N ASP B 102 23.86 4.77 9.02
CA ASP B 102 23.01 5.93 8.81
C ASP B 102 23.83 7.19 8.51
N MET B 103 23.47 7.85 7.42
CA MET B 103 24.01 9.16 7.07
CA MET B 103 24.04 9.15 7.05
C MET B 103 23.06 9.79 6.07
N THR B 104 22.79 11.09 6.21
CA THR B 104 21.99 11.80 5.21
C THR B 104 22.69 11.70 3.87
N LEU B 105 21.94 11.81 2.78
CA LEU B 105 22.50 11.69 1.43
C LEU B 105 23.64 12.69 1.24
N ARG B 106 23.47 13.91 1.76
CA ARG B 106 24.50 14.95 1.70
C ARG B 106 25.87 14.46 2.18
N LYS B 107 25.86 13.62 3.21
CA LYS B 107 27.10 13.16 3.81
C LYS B 107 27.44 11.70 3.51
N LEU B 108 26.50 10.96 2.90
CA LEU B 108 26.67 9.52 2.69
C LEU B 108 27.68 9.24 1.60
N ASP B 109 28.62 8.34 1.87
CA ASP B 109 29.58 7.95 0.89
C ASP B 109 29.24 6.60 0.24
N LYS B 110 29.87 6.35 -0.91
CA LYS B 110 29.59 5.15 -1.70
C LYS B 110 29.93 3.87 -0.92
N VAL B 111 31.00 3.92 -0.11
CA VAL B 111 31.40 2.76 0.68
C VAL B 111 30.28 2.35 1.64
N ASN B 112 29.67 3.33 2.30
CA ASN B 112 28.57 3.04 3.24
C ASN B 112 27.21 2.79 2.58
N TRP B 113 27.04 3.32 1.38
CA TRP B 113 25.90 2.92 0.52
C TRP B 113 26.04 1.40 0.22
N ASP B 114 27.18 1.01 -0.32
CA ASP B 114 27.46 -0.37 -0.68
C ASP B 114 27.39 -1.32 0.52
N ALA B 115 27.94 -0.92 1.65
CA ALA B 115 27.94 -1.80 2.82
C ALA B 115 26.53 -2.25 3.21
N VAL B 116 25.60 -1.30 3.17
CA VAL B 116 24.21 -1.58 3.52
C VAL B 116 23.46 -2.34 2.41
N ILE B 117 23.60 -1.94 1.15
CA ILE B 117 23.01 -2.72 0.04
C ILE B 117 23.53 -4.18 0.04
N ARG B 118 24.85 -4.33 0.12
CA ARG B 118 25.45 -5.66 0.03
C ARG B 118 25.06 -6.54 1.22
N THR B 119 25.07 -5.98 2.42
CA THR B 119 24.80 -6.77 3.61
C THR B 119 23.31 -7.05 3.82
N ASN B 120 22.47 -6.10 3.43
CA ASN B 120 21.04 -6.15 3.76
C ASN B 120 20.16 -6.65 2.60
N LEU B 121 20.59 -6.46 1.36
CA LEU B 121 19.79 -6.84 0.19
C LEU B 121 20.45 -7.97 -0.62
N ASP B 122 21.73 -7.83 -0.98
CA ASP B 122 22.41 -8.93 -1.69
C ASP B 122 22.35 -10.21 -0.85
N SER B 123 22.37 -10.06 0.47
CA SER B 123 22.28 -11.20 1.37
C SER B 123 21.07 -12.10 1.14
N VAL B 124 19.94 -11.49 0.79
CA VAL B 124 18.72 -12.24 0.55
C VAL B 124 18.86 -13.14 -0.68
N PHE B 125 19.47 -12.62 -1.75
CA PHE B 125 19.80 -13.44 -2.91
C PHE B 125 20.81 -14.52 -2.53
N ASN B 126 21.87 -14.12 -1.83
CA ASN B 126 22.99 -15.03 -1.51
C ASN B 126 22.58 -16.23 -0.65
N MET B 127 21.73 -15.97 0.36
CA MET B 127 21.30 -17.03 1.30
C MET B 127 20.08 -17.84 0.79
N THR B 128 19.20 -17.19 0.01
CA THR B 128 17.99 -17.86 -0.46
C THR B 128 18.22 -18.79 -1.63
N LYS B 129 19.07 -18.37 -2.56
CA LYS B 129 19.29 -19.17 -3.75
C LYS B 129 19.67 -20.61 -3.40
N PRO B 130 20.63 -20.82 -2.46
CA PRO B 130 21.07 -22.21 -2.24
C PRO B 130 20.08 -23.14 -1.53
N VAL B 131 18.97 -22.62 -1.01
CA VAL B 131 18.00 -23.45 -0.27
C VAL B 131 16.71 -23.72 -1.03
N CYS B 132 16.43 -22.96 -2.08
CA CYS B 132 15.11 -23.06 -2.72
CA CYS B 132 15.13 -23.01 -2.75
C CYS B 132 14.82 -24.34 -3.47
N ASP B 133 15.80 -24.86 -4.20
CA ASP B 133 15.57 -26.08 -5.00
C ASP B 133 15.14 -27.25 -4.13
N GLY B 134 15.78 -27.40 -2.97
CA GLY B 134 15.42 -28.46 -2.04
C GLY B 134 13.98 -28.34 -1.53
N MET B 135 13.60 -27.12 -1.17
CA MET B 135 12.25 -26.85 -0.69
C MET B 135 11.24 -27.19 -1.78
N VAL B 136 11.53 -26.75 -3.00
CA VAL B 136 10.67 -26.99 -4.16
C VAL B 136 10.56 -28.50 -4.44
N GLU B 137 11.70 -29.18 -4.44
CA GLU B 137 11.75 -30.64 -4.66
C GLU B 137 10.86 -31.40 -3.68
N ARG B 138 10.89 -30.99 -2.41
CA ARG B 138 10.13 -31.67 -1.37
C ARG B 138 8.69 -31.15 -1.22
N GLY B 139 8.34 -30.09 -1.94
CA GLY B 139 6.99 -29.54 -1.86
C GLY B 139 6.61 -28.77 -0.59
N TRP B 140 7.60 -28.24 0.12
CA TRP B 140 7.39 -27.52 1.38
C TRP B 140 8.57 -26.62 1.69
N GLY B 141 8.29 -25.37 2.01
CA GLY B 141 9.35 -24.50 2.49
C GLY B 141 8.78 -23.21 3.04
N ARG B 142 9.58 -22.54 3.87
CA ARG B 142 9.23 -21.24 4.41
C ARG B 142 10.44 -20.32 4.36
N ILE B 143 10.28 -19.18 3.70
CA ILE B 143 11.29 -18.13 3.67
C ILE B 143 10.68 -16.87 4.25
N VAL B 144 11.34 -16.34 5.26
CA VAL B 144 10.85 -15.14 5.96
C VAL B 144 11.97 -14.10 5.93
N ASN B 145 11.70 -12.95 5.33
CA ASN B 145 12.68 -11.88 5.23
C ASN B 145 12.36 -10.76 6.24
N ILE B 146 13.32 -10.44 7.10
CA ILE B 146 13.10 -9.42 8.13
C ILE B 146 13.48 -8.05 7.59
N SER B 147 12.46 -7.21 7.43
CA SER B 147 12.63 -5.84 6.95
C SER B 147 12.60 -4.86 8.13
N SER B 148 11.88 -3.75 7.98
CA SER B 148 11.79 -2.69 8.97
C SER B 148 10.66 -1.76 8.58
N VAL B 149 10.02 -1.18 9.58
CA VAL B 149 9.07 -0.09 9.36
C VAL B 149 9.68 1.01 8.50
N ASN B 150 10.99 1.21 8.58
CA ASN B 150 11.62 2.26 7.80
C ASN B 150 11.71 1.97 6.31
N GLY B 151 11.60 0.69 5.93
CA GLY B 151 11.42 0.34 4.52
C GLY B 151 10.07 0.78 4.00
N SER B 152 9.06 0.72 4.86
CA SER B 152 7.72 1.15 4.51
C SER B 152 7.58 2.66 4.48
N LYS B 153 8.12 3.35 5.48
CA LYS B 153 7.86 4.79 5.57
C LYS B 153 9.03 5.69 5.19
N GLY B 154 10.22 5.12 5.03
CA GLY B 154 11.45 5.94 4.93
C GLY B 154 11.91 6.48 6.27
N SER B 155 13.16 6.96 6.31
CA SER B 155 13.68 7.61 7.48
C SER B 155 14.87 8.47 7.12
N VAL B 156 14.98 9.61 7.80
CA VAL B 156 16.11 10.49 7.61
C VAL B 156 17.40 9.74 7.94
N GLY B 157 18.38 9.85 7.04
CA GLY B 157 19.66 9.19 7.23
C GLY B 157 19.66 7.77 6.72
N GLN B 158 18.56 7.32 6.13
CA GLN B 158 18.44 5.93 5.71
C GLN B 158 18.05 5.74 4.25
N THR B 159 18.62 6.54 3.33
CA THR B 159 18.42 6.24 1.93
C THR B 159 18.96 4.86 1.60
N ASN B 160 20.10 4.52 2.22
CA ASN B 160 20.69 3.21 1.99
C ASN B 160 19.86 2.08 2.62
N TYR B 161 19.49 2.24 3.88
CA TYR B 161 18.79 1.17 4.63
C TYR B 161 17.39 0.96 4.10
N ALA B 162 16.67 2.08 3.86
CA ALA B 162 15.33 1.96 3.27
C ALA B 162 15.38 1.38 1.87
N ALA B 163 16.38 1.73 1.07
CA ALA B 163 16.48 1.13 -0.28
C ALA B 163 16.68 -0.38 -0.13
N ALA B 164 17.57 -0.81 0.76
CA ALA B 164 17.80 -2.24 0.96
C ALA B 164 16.57 -2.97 1.45
N LYS B 165 15.95 -2.44 2.48
CA LYS B 165 14.80 -3.07 3.09
C LYS B 165 13.56 -3.07 2.19
N ALA B 166 13.32 -1.99 1.45
CA ALA B 166 12.24 -2.00 0.46
C ALA B 166 12.57 -3.01 -0.66
N GLY B 167 13.84 -3.05 -1.07
CA GLY B 167 14.31 -4.02 -2.06
C GLY B 167 14.04 -5.47 -1.66
N MET B 168 14.19 -5.76 -0.37
CA MET B 168 13.95 -7.09 0.16
CA MET B 168 13.93 -7.09 0.20
C MET B 168 12.50 -7.54 -0.11
N HIS B 169 11.56 -6.60 -0.01
CA HIS B 169 10.17 -6.95 -0.25
C HIS B 169 9.87 -7.11 -1.73
N GLY B 170 10.56 -6.38 -2.60
CA GLY B 170 10.45 -6.66 -4.02
C GLY B 170 10.92 -8.08 -4.36
N PHE B 171 12.03 -8.51 -3.74
CA PHE B 171 12.51 -9.88 -3.83
C PHE B 171 11.45 -10.86 -3.34
N THR B 172 10.88 -10.58 -2.17
CA THR B 172 9.84 -11.45 -1.59
C THR B 172 8.75 -11.71 -2.61
N LYS B 173 8.22 -10.66 -3.23
CA LYS B 173 7.10 -10.82 -4.12
C LYS B 173 7.45 -11.61 -5.36
N SER B 174 8.57 -11.29 -6.00
CA SER B 174 8.97 -12.02 -7.22
C SER B 174 9.24 -13.48 -6.91
N LEU B 175 9.95 -13.77 -5.81
CA LEU B 175 10.23 -15.17 -5.47
C LEU B 175 8.93 -15.90 -5.14
N ALA B 176 8.05 -15.23 -4.40
CA ALA B 176 6.78 -15.84 -4.05
C ALA B 176 6.04 -16.34 -5.30
N LEU B 177 6.00 -15.52 -6.35
CA LEU B 177 5.39 -15.93 -7.62
C LEU B 177 6.08 -17.14 -8.28
N GLU B 178 7.40 -17.25 -8.15
CA GLU B 178 8.13 -18.32 -8.82
C GLU B 178 7.83 -19.70 -8.21
N ILE B 179 7.59 -19.74 -6.91
CA ILE B 179 7.58 -21.00 -6.16
C ILE B 179 6.33 -21.29 -5.34
N ALA B 180 5.33 -20.40 -5.40
CA ALA B 180 4.07 -20.61 -4.66
C ALA B 180 3.44 -21.96 -4.96
N ARG B 181 3.47 -22.37 -6.24
CA ARG B 181 2.73 -23.55 -6.67
C ARG B 181 3.38 -24.83 -6.14
N LYS B 182 4.60 -24.70 -5.60
CA LYS B 182 5.38 -25.83 -5.09
C LYS B 182 5.41 -25.92 -3.58
N GLY B 183 4.48 -25.25 -2.90
CA GLY B 183 4.35 -25.37 -1.45
C GLY B 183 5.35 -24.59 -0.61
N VAL B 184 6.00 -23.61 -1.22
CA VAL B 184 6.95 -22.76 -0.53
C VAL B 184 6.32 -21.37 -0.41
N THR B 185 6.30 -20.80 0.78
CA THR B 185 5.90 -19.42 0.97
C THR B 185 7.12 -18.52 1.23
N VAL B 186 6.97 -17.25 0.83
CA VAL B 186 7.99 -16.22 0.97
C VAL B 186 7.26 -14.98 1.50
N ASN B 187 7.62 -14.51 2.68
CA ASN B 187 7.00 -13.33 3.28
C ASN B 187 8.00 -12.41 3.91
N THR B 188 7.60 -11.14 4.04
CA THR B 188 8.41 -10.09 4.69
C THR B 188 7.73 -9.75 6.00
N VAL B 189 8.52 -9.53 7.04
CA VAL B 189 8.06 -9.04 8.35
C VAL B 189 8.77 -7.72 8.62
N SER B 190 8.00 -6.69 8.92
CA SER B 190 8.51 -5.31 9.13
C SER B 190 8.32 -4.85 10.57
N PRO B 191 9.33 -5.02 11.43
CA PRO B 191 9.15 -4.58 12.82
C PRO B 191 9.38 -3.07 13.01
N GLY B 192 8.70 -2.49 14.01
CA GLY B 192 9.02 -1.13 14.49
C GLY B 192 10.09 -1.21 15.56
N TYR B 193 10.00 -0.31 16.55
CA TYR B 193 10.99 -0.21 17.62
C TYR B 193 10.88 -1.39 18.56
N LEU B 194 11.98 -2.12 18.74
CA LEU B 194 12.02 -3.31 19.59
C LEU B 194 13.01 -3.09 20.73
N ALA B 195 12.72 -3.74 21.86
CA ALA B 195 13.56 -3.70 23.05
C ALA B 195 14.73 -4.68 22.95
N THR B 196 15.59 -4.47 21.97
CA THR B 196 16.87 -5.17 21.87
C THR B 196 17.89 -4.31 22.64
N LYS B 197 19.06 -4.89 22.89
CA LYS B 197 20.11 -4.25 23.69
C LYS B 197 20.43 -2.80 23.28
N MET B 198 20.49 -2.56 21.97
CA MET B 198 20.86 -1.24 21.43
C MET B 198 19.80 -0.17 21.70
N VAL B 199 18.54 -0.60 21.81
CA VAL B 199 17.43 0.32 22.02
C VAL B 199 17.11 0.54 23.51
N THR B 200 17.21 -0.52 24.31
CA THR B 200 17.03 -0.39 25.78
C THR B 200 18.18 0.38 26.42
N ALA B 201 19.35 0.38 25.77
CA ALA B 201 20.48 1.20 26.16
C ALA B 201 20.18 2.69 26.07
N ILE B 202 19.15 3.06 25.31
CA ILE B 202 18.69 4.45 25.26
C ILE B 202 18.33 4.94 26.67
N PRO B 203 18.98 6.03 27.12
CA PRO B 203 18.59 6.65 28.38
C PRO B 203 17.06 6.78 28.49
N GLN B 204 16.53 6.48 29.67
CA GLN B 204 15.08 6.44 29.90
C GLN B 204 14.34 7.71 29.47
N ASP B 205 14.94 8.88 29.73
CA ASP B 205 14.31 10.16 29.34
C ASP B 205 14.21 10.32 27.81
N ILE B 206 15.22 9.82 27.08
CA ILE B 206 15.20 9.82 25.62
C ILE B 206 14.16 8.84 25.11
N LEU B 207 14.05 7.69 25.77
CA LEU B 207 13.04 6.73 25.35
C LEU B 207 11.63 7.36 25.50
N ASP B 208 11.37 7.97 26.65
CA ASP B 208 10.05 8.53 26.99
C ASP B 208 9.64 9.76 26.18
N THR B 209 10.60 10.65 25.90
CA THR B 209 10.28 11.90 25.21
C THR B 209 10.41 11.83 23.70
N LYS B 210 11.27 10.94 23.20
CA LYS B 210 11.56 10.92 21.76
C LYS B 210 11.08 9.65 21.02
N ILE B 211 11.21 8.48 21.62
CA ILE B 211 10.86 7.23 20.91
C ILE B 211 9.39 6.84 21.14
N LEU B 212 8.98 6.73 22.39
CA LEU B 212 7.62 6.26 22.71
C LEU B 212 6.47 7.07 22.11
N PRO B 213 6.62 8.41 22.03
CA PRO B 213 5.59 9.20 21.37
C PRO B 213 5.31 8.86 19.89
N GLN B 214 6.26 8.20 19.22
CA GLN B 214 6.08 7.70 17.83
C GLN B 214 5.27 6.41 17.77
N ILE B 215 5.00 5.80 18.92
CA ILE B 215 4.38 4.47 18.95
C ILE B 215 3.02 4.50 19.68
N PRO B 216 1.90 4.38 18.94
CA PRO B 216 0.60 4.46 19.62
C PRO B 216 0.42 3.46 20.79
N ALA B 217 1.00 2.25 20.69
CA ALA B 217 0.97 1.29 21.79
C ALA B 217 1.61 1.81 23.08
N GLY B 218 2.53 2.77 22.95
CA GLY B 218 3.09 3.42 24.13
C GLY B 218 4.20 2.64 24.79
N ARG B 219 4.80 1.68 24.05
CA ARG B 219 5.82 0.77 24.59
C ARG B 219 6.65 0.24 23.43
N LEU B 220 7.82 -0.27 23.74
CA LEU B 220 8.63 -0.93 22.75
C LEU B 220 8.06 -2.33 22.49
N GLY B 221 8.26 -2.83 21.28
CA GLY B 221 7.93 -4.22 20.97
C GLY B 221 8.93 -5.17 21.62
N LYS B 222 8.50 -6.38 22.00
CA LYS B 222 9.42 -7.36 22.56
C LYS B 222 9.98 -8.19 21.39
N PRO B 223 11.29 -8.50 21.40
CA PRO B 223 11.77 -9.35 20.31
C PRO B 223 11.02 -10.71 20.23
N GLU B 224 10.57 -11.20 21.39
CA GLU B 224 9.77 -12.41 21.47
C GLU B 224 8.43 -12.32 20.75
N GLU B 225 7.86 -11.10 20.68
CA GLU B 225 6.62 -10.86 19.95
C GLU B 225 6.88 -11.02 18.46
N VAL B 226 7.99 -10.46 18.00
CA VAL B 226 8.34 -10.58 16.57
C VAL B 226 8.64 -12.05 16.24
N ALA B 227 9.36 -12.72 17.14
CA ALA B 227 9.68 -14.14 16.99
C ALA B 227 8.41 -15.00 16.89
N ALA B 228 7.41 -14.68 17.69
CA ALA B 228 6.11 -15.38 17.61
C ALA B 228 5.46 -15.25 16.24
N LEU B 229 5.50 -14.05 15.69
CA LEU B 229 5.01 -13.85 14.32
C LEU B 229 5.80 -14.69 13.30
N VAL B 230 7.12 -14.73 13.44
CA VAL B 230 7.92 -15.52 12.50
C VAL B 230 7.53 -17.00 12.66
N ALA B 231 7.34 -17.44 13.88
CA ALA B 231 6.96 -18.85 14.10
C ALA B 231 5.60 -19.18 13.45
N TYR B 232 4.62 -18.27 13.62
CA TYR B 232 3.34 -18.43 12.95
C TYR B 232 3.58 -18.62 11.42
N LEU B 233 4.33 -17.71 10.79
CA LEU B 233 4.58 -17.80 9.33
C LEU B 233 5.28 -19.11 8.96
N CYS B 234 6.13 -19.63 9.85
CA CYS B 234 6.84 -20.87 9.58
C CYS B 234 6.06 -22.14 9.85
N SER B 235 4.87 -22.01 10.42
CA SER B 235 4.08 -23.17 10.86
C SER B 235 3.38 -23.80 9.67
N GLU B 236 2.87 -25.00 9.90
CA GLU B 236 2.19 -25.73 8.86
C GLU B 236 0.87 -25.05 8.43
N GLU B 237 0.27 -24.22 9.29
CA GLU B 237 -1.04 -23.62 9.03
C GLU B 237 -0.98 -22.24 8.33
N ALA B 238 0.22 -21.77 8.04
CA ALA B 238 0.46 -20.49 7.34
C ALA B 238 0.75 -20.68 5.83
N GLY B 239 0.42 -21.83 5.27
CA GLY B 239 0.68 -22.10 3.88
C GLY B 239 -0.02 -21.26 2.85
N PHE B 240 -1.06 -20.51 3.22
CA PHE B 240 -1.81 -19.70 2.25
C PHE B 240 -1.40 -18.23 2.34
N VAL B 241 -0.39 -17.94 3.16
CA VAL B 241 0.17 -16.59 3.25
C VAL B 241 1.46 -16.53 2.48
N THR B 242 1.46 -15.80 1.38
CA THR B 242 2.69 -15.63 0.63
C THR B 242 2.72 -14.30 -0.13
N GLY B 243 3.92 -13.79 -0.33
CA GLY B 243 4.15 -12.49 -0.96
C GLY B 243 3.74 -11.27 -0.15
N SER B 244 3.54 -11.46 1.16
CA SER B 244 2.99 -10.44 2.05
C SER B 244 4.10 -9.70 2.78
N ASN B 245 3.73 -8.58 3.37
CA ASN B 245 4.59 -7.79 4.24
C ASN B 245 3.79 -7.42 5.46
N ILE B 246 4.07 -8.12 6.56
CA ILE B 246 3.35 -7.97 7.82
C ILE B 246 4.03 -6.99 8.76
N ALA B 247 3.29 -5.95 9.10
CA ALA B 247 3.72 -4.88 9.98
C ALA B 247 3.50 -5.25 11.45
N ILE B 248 4.56 -5.11 12.25
CA ILE B 248 4.50 -5.39 13.70
C ILE B 248 5.23 -4.24 14.42
N ASN B 249 4.49 -3.14 14.57
CA ASN B 249 5.09 -1.85 14.91
C ASN B 249 4.32 -1.03 15.92
N GLY B 250 3.36 -1.64 16.61
CA GLY B 250 2.63 -0.95 17.66
C GLY B 250 1.82 0.24 17.16
N GLY B 251 1.49 0.25 15.86
CA GLY B 251 0.77 1.35 15.23
C GLY B 251 1.62 2.52 14.75
N GLN B 252 2.94 2.39 14.82
CA GLN B 252 3.82 3.48 14.37
C GLN B 252 3.59 3.88 12.91
N HIS B 253 3.28 2.90 12.08
CA HIS B 253 2.95 3.16 10.67
C HIS B 253 1.76 2.28 10.27
N MET B 254 0.84 2.88 9.52
CA MET B 254 -0.32 2.17 8.93
C MET B 254 -0.46 2.59 7.46
N HIS B 255 -1.08 1.77 6.64
CA HIS B 255 -1.29 2.14 5.24
C HIS B 255 -2.49 1.47 4.58
N LYS C 11 -11.00 -17.56 31.30
CA LYS C 11 -10.99 -17.50 29.80
C LYS C 11 -11.45 -16.15 29.27
N ARG C 12 -10.81 -15.72 28.17
CA ARG C 12 -11.27 -14.57 27.38
C ARG C 12 -12.57 -14.96 26.72
N ILE C 13 -13.48 -13.98 26.63
CA ILE C 13 -14.76 -14.15 25.97
C ILE C 13 -14.69 -13.49 24.57
N ALA C 14 -15.04 -14.26 23.56
CA ALA C 14 -14.98 -13.83 22.14
C ALA C 14 -16.38 -13.86 21.52
N VAL C 15 -16.67 -12.83 20.72
CA VAL C 15 -17.91 -12.74 19.96
C VAL C 15 -17.52 -12.78 18.48
N VAL C 16 -18.11 -13.72 17.73
CA VAL C 16 -17.83 -13.86 16.29
C VAL C 16 -19.15 -13.64 15.56
N THR C 17 -19.26 -12.53 14.83
CA THR C 17 -20.47 -12.31 14.01
C THR C 17 -20.43 -13.21 12.78
N GLY C 18 -21.58 -13.68 12.37
CA GLY C 18 -21.65 -14.69 11.33
C GLY C 18 -20.91 -15.96 11.71
N GLY C 19 -20.88 -16.24 13.01
CA GLY C 19 -20.09 -17.33 13.56
C GLY C 19 -20.55 -18.74 13.22
N MET C 20 -21.73 -18.87 12.62
CA MET C 20 -22.20 -20.18 12.12
C MET C 20 -22.02 -20.36 10.60
N GLY C 21 -21.60 -19.32 9.88
CA GLY C 21 -21.39 -19.41 8.44
C GLY C 21 -20.05 -20.07 8.08
N GLY C 22 -19.68 -19.97 6.80
CA GLY C 22 -18.52 -20.67 6.24
C GLY C 22 -17.23 -20.36 6.99
N LEU C 23 -16.77 -19.12 6.85
CA LEU C 23 -15.56 -18.73 7.55
C LEU C 23 -15.83 -18.61 9.05
N GLY C 24 -17.00 -18.07 9.42
CA GLY C 24 -17.34 -17.82 10.82
C GLY C 24 -17.24 -19.07 11.67
N GLU C 25 -17.76 -20.17 11.18
CA GLU C 25 -17.70 -21.40 11.97
C GLU C 25 -16.25 -21.82 12.22
N ALA C 26 -15.42 -21.72 11.17
CA ALA C 26 -14.01 -22.09 11.30
C ALA C 26 -13.32 -21.20 12.34
N VAL C 27 -13.63 -19.90 12.32
CA VAL C 27 -13.10 -18.97 13.31
C VAL C 27 -13.57 -19.33 14.72
N SER C 28 -14.86 -19.59 14.86
CA SER C 28 -15.43 -19.94 16.15
C SER C 28 -14.78 -21.20 16.72
N ILE C 29 -14.64 -22.22 15.88
CA ILE C 29 -14.02 -23.50 16.26
C ILE C 29 -12.57 -23.26 16.74
N ARG C 30 -11.80 -22.49 15.98
CA ARG C 30 -10.39 -22.26 16.33
C ARG C 30 -10.25 -21.46 17.61
N LEU C 31 -11.05 -20.41 17.78
CA LEU C 31 -10.96 -19.63 19.03
C LEU C 31 -11.37 -20.47 20.23
N ASN C 32 -12.40 -21.32 20.06
CA ASN C 32 -12.75 -22.26 21.13
C ASN C 32 -11.55 -23.15 21.47
N ASP C 33 -10.94 -23.69 20.42
CA ASP C 33 -9.84 -24.63 20.61
C ASP C 33 -8.62 -23.97 21.25
N ALA C 34 -8.50 -22.65 21.11
CA ALA C 34 -7.42 -21.88 21.69
C ALA C 34 -7.65 -21.57 23.16
N GLY C 35 -8.83 -21.92 23.67
CA GLY C 35 -9.20 -21.73 25.07
C GLY C 35 -10.09 -20.54 25.38
N HIS C 36 -10.59 -19.89 24.34
CA HIS C 36 -11.58 -18.84 24.51
C HIS C 36 -13.01 -19.38 24.67
N ARG C 37 -13.83 -18.62 25.38
CA ARG C 37 -15.26 -18.88 25.51
C ARG C 37 -15.93 -18.13 24.39
N VAL C 38 -16.51 -18.88 23.46
CA VAL C 38 -16.97 -18.26 22.21
C VAL C 38 -18.50 -18.11 22.15
N VAL C 39 -18.91 -16.90 21.76
CA VAL C 39 -20.30 -16.52 21.57
C VAL C 39 -20.45 -16.15 20.09
N VAL C 40 -21.37 -16.81 19.40
CA VAL C 40 -21.64 -16.48 18.01
C VAL C 40 -22.94 -15.69 17.89
N THR C 41 -23.07 -14.88 16.84
CA THR C 41 -24.37 -14.30 16.52
C THR C 41 -24.96 -15.06 15.34
N TYR C 42 -26.27 -15.00 15.21
CA TYR C 42 -26.98 -15.48 14.01
C TYR C 42 -27.94 -14.41 13.50
N SER C 43 -28.09 -14.37 12.18
CA SER C 43 -28.86 -13.33 11.49
C SER C 43 -30.35 -13.65 11.54
N PRO C 44 -31.19 -12.65 11.23
CA PRO C 44 -32.65 -12.88 11.13
C PRO C 44 -33.05 -13.93 10.08
N ASN C 45 -32.19 -14.17 9.09
CA ASN C 45 -32.44 -15.17 8.06
C ASN C 45 -32.08 -16.59 8.48
N ASN C 46 -31.42 -16.71 9.63
CA ASN C 46 -30.91 -17.99 10.09
C ASN C 46 -31.90 -18.66 11.05
N THR C 47 -32.52 -19.75 10.57
CA THR C 47 -33.44 -20.52 11.41
C THR C 47 -32.81 -21.83 11.91
N GLY C 48 -31.49 -21.96 11.75
CA GLY C 48 -30.80 -23.20 12.08
C GLY C 48 -29.89 -23.14 13.28
N ALA C 49 -30.10 -22.17 14.17
CA ALA C 49 -29.19 -21.95 15.30
C ALA C 49 -29.17 -23.13 16.27
N ASP C 50 -30.36 -23.66 16.58
CA ASP C 50 -30.46 -24.82 17.45
C ASP C 50 -29.73 -26.07 16.88
N ARG C 51 -29.99 -26.37 15.62
CA ARG C 51 -29.36 -27.52 14.97
C ARG C 51 -27.84 -27.34 14.94
N TRP C 52 -27.38 -26.12 14.65
CA TRP C 52 -25.94 -25.85 14.62
C TRP C 52 -25.28 -26.06 15.99
N LEU C 53 -25.89 -25.51 17.04
CA LEU C 53 -25.37 -25.70 18.40
C LEU C 53 -25.27 -27.18 18.76
N THR C 54 -26.30 -27.96 18.42
CA THR C 54 -26.31 -29.40 18.69
C THR C 54 -25.18 -30.10 17.93
N GLU C 55 -25.02 -29.76 16.66
CA GLU C 55 -23.96 -30.31 15.83
C GLU C 55 -22.59 -29.98 16.42
N MET C 56 -22.40 -28.73 16.83
CA MET C 56 -21.11 -28.31 17.36
C MET C 56 -20.80 -29.08 18.64
N HIS C 57 -21.81 -29.29 19.48
CA HIS C 57 -21.60 -30.03 20.71
C HIS C 57 -21.32 -31.53 20.45
N ALA C 58 -21.97 -32.10 19.45
CA ALA C 58 -21.68 -33.47 19.01
C ALA C 58 -20.22 -33.65 18.61
N ALA C 59 -19.61 -32.59 18.08
CA ALA C 59 -18.19 -32.58 17.77
C ALA C 59 -17.32 -32.03 18.91
N GLY C 60 -17.88 -32.00 20.11
CA GLY C 60 -17.13 -31.70 21.34
C GLY C 60 -17.03 -30.26 21.81
N ARG C 61 -17.79 -29.34 21.23
CA ARG C 61 -17.65 -27.90 21.53
C ARG C 61 -18.96 -27.23 21.94
N GLU C 62 -18.88 -26.39 22.96
CA GLU C 62 -20.00 -25.65 23.51
C GLU C 62 -19.88 -24.19 23.12
N PHE C 63 -20.85 -23.72 22.32
CA PHE C 63 -20.98 -22.29 22.02
C PHE C 63 -22.26 -21.68 22.60
N HIS C 64 -22.24 -20.37 22.80
CA HIS C 64 -23.44 -19.58 23.08
C HIS C 64 -23.82 -18.89 21.78
N ALA C 65 -25.11 -18.72 21.55
CA ALA C 65 -25.58 -18.08 20.32
C ALA C 65 -26.67 -17.04 20.61
N TYR C 66 -26.53 -15.87 19.99
CA TYR C 66 -27.51 -14.78 20.13
C TYR C 66 -27.90 -14.20 18.77
N PRO C 67 -29.19 -13.83 18.62
CA PRO C 67 -29.64 -13.19 17.38
C PRO C 67 -29.17 -11.75 17.31
N VAL C 68 -28.82 -11.32 16.11
CA VAL C 68 -28.46 -9.92 15.86
C VAL C 68 -28.70 -9.62 14.41
N ASP C 69 -29.02 -8.36 14.16
CA ASP C 69 -28.97 -7.77 12.82
C ASP C 69 -27.81 -6.77 12.79
N VAL C 70 -26.67 -7.17 12.23
CA VAL C 70 -25.51 -6.29 12.27
C VAL C 70 -25.69 -4.96 11.54
N ALA C 71 -26.66 -4.86 10.63
CA ALA C 71 -26.96 -3.59 9.96
C ALA C 71 -27.77 -2.62 10.83
N ASP C 72 -28.22 -3.06 12.01
CA ASP C 72 -29.03 -2.22 12.88
C ASP C 72 -28.29 -1.90 14.17
N HIS C 73 -28.06 -0.62 14.43
CA HIS C 73 -27.34 -0.15 15.62
C HIS C 73 -27.94 -0.68 16.95
N ASP C 74 -29.25 -0.52 17.11
CA ASP C 74 -29.90 -0.91 18.36
C ASP C 74 -29.87 -2.44 18.54
N SER C 75 -30.05 -3.18 17.45
CA SER C 75 -30.01 -4.66 17.54
C SER C 75 -28.67 -5.11 18.12
N CYS C 76 -27.61 -4.50 17.63
CA CYS C 76 -26.27 -4.80 18.10
C CYS C 76 -26.07 -4.46 19.58
N GLN C 77 -26.51 -3.27 19.99
CA GLN C 77 -26.34 -2.80 21.36
C GLN C 77 -27.03 -3.76 22.33
N GLN C 78 -28.26 -4.14 21.98
CA GLN C 78 -29.06 -5.04 22.79
C GLN C 78 -28.45 -6.45 22.87
N CYS C 79 -27.95 -6.93 21.74
CA CYS C 79 -27.25 -8.20 21.68
C CYS C 79 -26.04 -8.25 22.61
N ILE C 80 -25.18 -7.24 22.52
CA ILE C 80 -24.03 -7.16 23.40
C ILE C 80 -24.47 -7.04 24.88
N GLU C 81 -25.50 -6.25 25.17
CA GLU C 81 -26.03 -6.13 26.54
C GLU C 81 -26.37 -7.51 27.14
N LYS C 82 -27.11 -8.33 26.38
CA LYS C 82 -27.44 -9.70 26.79
C LYS C 82 -26.21 -10.61 26.97
N ILE C 83 -25.25 -10.51 26.06
CA ILE C 83 -24.03 -11.31 26.18
C ILE C 83 -23.27 -10.95 27.48
N VAL C 84 -23.16 -9.66 27.78
CA VAL C 84 -22.46 -9.23 28.98
C VAL C 84 -23.19 -9.71 30.23
N ARG C 85 -24.52 -9.70 30.19
CA ARG C 85 -25.36 -10.16 31.27
C ARG C 85 -25.23 -11.65 31.50
N ASP C 86 -25.33 -12.43 30.41
CA ASP C 86 -25.41 -13.90 30.51
C ASP C 86 -24.06 -14.62 30.55
N VAL C 87 -23.06 -14.09 29.84
CA VAL C 87 -21.76 -14.75 29.67
C VAL C 87 -20.66 -13.98 30.38
N GLY C 88 -20.51 -12.70 30.02
CA GLY C 88 -19.57 -11.83 30.68
C GLY C 88 -19.00 -10.81 29.72
N PRO C 89 -18.09 -9.94 30.19
CA PRO C 89 -17.48 -8.88 29.38
C PRO C 89 -16.76 -9.41 28.14
N VAL C 90 -16.91 -8.68 27.05
CA VAL C 90 -16.39 -9.12 25.75
C VAL C 90 -14.95 -8.65 25.61
N ASP C 91 -14.04 -9.61 25.48
CA ASP C 91 -12.59 -9.36 25.34
C ASP C 91 -12.13 -9.32 23.89
N ILE C 92 -12.80 -10.10 23.03
CA ILE C 92 -12.42 -10.30 21.62
C ILE C 92 -13.68 -10.15 20.77
N LEU C 93 -13.59 -9.37 19.69
CA LEU C 93 -14.69 -9.22 18.75
C LEU C 93 -14.14 -9.47 17.35
N VAL C 94 -14.74 -10.42 16.64
CA VAL C 94 -14.39 -10.67 15.24
C VAL C 94 -15.60 -10.24 14.38
N ASN C 95 -15.43 -9.12 13.65
CA ASN C 95 -16.43 -8.64 12.71
C ASN C 95 -16.31 -9.37 11.38
N ASN C 96 -17.01 -10.50 11.28
CA ASN C 96 -16.97 -11.41 10.15
C ASN C 96 -18.24 -11.39 9.29
N ALA C 97 -19.38 -10.98 9.85
CA ALA C 97 -20.58 -10.91 9.08
C ALA C 97 -20.39 -10.03 7.83
N GLY C 98 -20.94 -10.50 6.72
CA GLY C 98 -20.87 -9.79 5.47
C GLY C 98 -21.62 -10.55 4.40
N ILE C 99 -22.08 -9.81 3.40
CA ILE C 99 -22.82 -10.31 2.23
C ILE C 99 -22.25 -9.74 0.92
N THR C 100 -22.66 -10.36 -0.17
CA THR C 100 -22.39 -9.82 -1.50
C THR C 100 -23.71 -9.58 -2.21
N ARG C 101 -23.70 -8.55 -3.06
CA ARG C 101 -24.77 -8.31 -4.02
C ARG C 101 -24.10 -7.85 -5.32
N ASP C 102 -23.53 -8.79 -6.07
CA ASP C 102 -22.59 -8.47 -7.14
C ASP C 102 -23.37 -8.05 -8.37
N MET C 103 -23.06 -6.86 -8.88
CA MET C 103 -23.64 -6.36 -10.12
C MET C 103 -22.71 -5.22 -10.57
N THR C 104 -22.47 -5.11 -11.87
CA THR C 104 -21.70 -3.99 -12.39
C THR C 104 -22.43 -2.68 -12.08
N LEU C 105 -21.68 -1.58 -12.03
CA LEU C 105 -22.29 -0.30 -11.70
C LEU C 105 -23.47 0.02 -12.63
N ARG C 106 -23.32 -0.31 -13.91
CA ARG C 106 -24.39 -0.12 -14.89
C ARG C 106 -25.72 -0.76 -14.48
N LYS C 107 -25.65 -1.92 -13.81
CA LYS C 107 -26.81 -2.70 -13.39
C LYS C 107 -27.18 -2.48 -11.92
N LEU C 108 -26.26 -1.91 -11.13
CA LEU C 108 -26.38 -1.87 -9.68
C LEU C 108 -27.38 -0.81 -9.26
N ASP C 109 -28.34 -1.20 -8.45
CA ASP C 109 -29.32 -0.26 -7.93
C ASP C 109 -29.07 0.11 -6.46
N LYS C 110 -29.74 1.17 -6.01
CA LYS C 110 -29.49 1.72 -4.67
C LYS C 110 -29.75 0.68 -3.58
N VAL C 111 -30.77 -0.16 -3.75
CA VAL C 111 -31.08 -1.14 -2.71
C VAL C 111 -29.93 -2.12 -2.49
N ASN C 112 -29.29 -2.52 -3.58
CA ASN C 112 -28.17 -3.46 -3.53
C ASN C 112 -26.82 -2.81 -3.19
N TRP C 113 -26.65 -1.53 -3.50
CA TRP C 113 -25.56 -0.71 -2.94
C TRP C 113 -25.74 -0.65 -1.42
N ASP C 114 -26.90 -0.20 -0.98
CA ASP C 114 -27.17 0.00 0.45
C ASP C 114 -27.04 -1.28 1.26
N ALA C 115 -27.56 -2.39 0.74
CA ALA C 115 -27.56 -3.63 1.54
C ALA C 115 -26.13 -4.01 1.92
N VAL C 116 -25.23 -3.80 0.98
CA VAL C 116 -23.82 -4.16 1.18
C VAL C 116 -23.10 -3.17 2.08
N ILE C 117 -23.31 -1.87 1.85
CA ILE C 117 -22.65 -0.89 2.73
C ILE C 117 -23.13 -1.05 4.18
N ARG C 118 -24.45 -1.13 4.36
CA ARG C 118 -25.01 -1.23 5.71
C ARG C 118 -24.65 -2.53 6.42
N THR C 119 -24.67 -3.64 5.71
CA THR C 119 -24.34 -4.92 6.35
C THR C 119 -22.84 -5.14 6.57
N ASN C 120 -22.03 -4.65 5.64
CA ASN C 120 -20.61 -4.98 5.64
C ASN C 120 -19.74 -3.92 6.31
N LEU C 121 -20.16 -2.65 6.23
CA LEU C 121 -19.40 -1.55 6.82
C LEU C 121 -20.08 -0.96 8.04
N ASP C 122 -21.37 -0.60 7.98
CA ASP C 122 -22.02 -0.07 9.20
C ASP C 122 -21.86 -1.05 10.37
N SER C 123 -21.88 -2.34 10.07
CA SER C 123 -21.74 -3.39 11.08
C SER C 123 -20.50 -3.24 11.98
N VAL C 124 -19.41 -2.74 11.41
CA VAL C 124 -18.20 -2.51 12.15
C VAL C 124 -18.41 -1.46 13.22
N PHE C 125 -19.04 -0.33 12.88
CA PHE C 125 -19.45 0.66 13.88
C PHE C 125 -20.41 0.05 14.93
N ASN C 126 -21.46 -0.59 14.40
CA ASN C 126 -22.56 -1.07 15.21
C ASN C 126 -22.13 -2.12 16.25
N MET C 127 -21.20 -3.00 15.90
CA MET C 127 -20.78 -4.09 16.80
C MET C 127 -19.60 -3.70 17.68
N THR C 128 -18.75 -2.81 17.17
CA THR C 128 -17.54 -2.45 17.88
C THR C 128 -17.79 -1.38 18.94
N LYS C 129 -18.65 -0.41 18.66
CA LYS C 129 -18.90 0.64 19.66
C LYS C 129 -19.29 0.08 21.05
N PRO C 130 -20.21 -0.91 21.11
CA PRO C 130 -20.65 -1.39 22.45
C PRO C 130 -19.66 -2.26 23.23
N VAL C 131 -18.54 -2.65 22.62
CA VAL C 131 -17.55 -3.47 23.33
C VAL C 131 -16.26 -2.72 23.71
N CYS C 132 -16.02 -1.57 23.11
CA CYS C 132 -14.72 -0.91 23.27
CA CYS C 132 -14.73 -0.90 23.24
C CYS C 132 -14.46 -0.36 24.65
N ASP C 133 -15.47 0.25 25.27
CA ASP C 133 -15.26 0.85 26.59
C ASP C 133 -14.75 -0.14 27.61
N GLY C 134 -15.31 -1.35 27.59
CA GLY C 134 -14.91 -2.41 28.50
C GLY C 134 -13.48 -2.86 28.27
N MET C 135 -13.11 -3.02 26.99
CA MET C 135 -11.77 -3.40 26.64
C MET C 135 -10.75 -2.39 27.12
N VAL C 136 -11.04 -1.09 26.90
CA VAL C 136 -10.17 -0.01 27.32
C VAL C 136 -10.04 0.07 28.84
N GLU C 137 -11.17 -0.04 29.52
CA GLU C 137 -11.24 0.02 30.99
C GLU C 137 -10.37 -1.09 31.63
N ARG C 138 -10.42 -2.29 31.04
CA ARG C 138 -9.63 -3.44 31.54
C ARG C 138 -8.20 -3.43 31.00
N GLY C 139 -7.92 -2.63 29.99
CA GLY C 139 -6.57 -2.57 29.45
C GLY C 139 -6.15 -3.75 28.57
N TRP C 140 -7.13 -4.44 27.99
CA TRP C 140 -6.87 -5.55 27.05
C TRP C 140 -8.07 -5.75 26.12
N GLY C 141 -7.80 -5.90 24.81
CA GLY C 141 -8.88 -6.22 23.86
C GLY C 141 -8.27 -6.58 22.54
N ARG C 142 -9.05 -7.32 21.76
CA ARG C 142 -8.68 -7.66 20.39
C ARG C 142 -9.89 -7.49 19.50
N ILE C 143 -9.76 -6.69 18.43
CA ILE C 143 -10.84 -6.50 17.47
C ILE C 143 -10.26 -6.83 16.11
N VAL C 144 -10.88 -7.79 15.41
CA VAL C 144 -10.43 -8.25 14.11
C VAL C 144 -11.57 -8.10 13.07
N ASN C 145 -11.27 -7.36 12.02
CA ASN C 145 -12.22 -7.06 10.96
C ASN C 145 -11.91 -7.88 9.74
N ILE C 146 -12.87 -8.68 9.27
CA ILE C 146 -12.64 -9.55 8.12
C ILE C 146 -13.04 -8.81 6.85
N SER C 147 -12.04 -8.42 6.10
CA SER C 147 -12.17 -7.70 4.83
C SER C 147 -12.09 -8.74 3.69
N SER C 148 -11.38 -8.41 2.61
CA SER C 148 -11.28 -9.25 1.42
C SER C 148 -10.15 -8.77 0.55
N VAL C 149 -9.55 -9.71 -0.19
CA VAL C 149 -8.59 -9.34 -1.26
C VAL C 149 -9.24 -8.31 -2.20
N ASN C 150 -10.56 -8.38 -2.36
CA ASN C 150 -11.23 -7.49 -3.31
C ASN C 150 -11.34 -6.04 -2.81
N GLY C 151 -11.25 -5.82 -1.50
CA GLY C 151 -11.01 -4.46 -0.97
C GLY C 151 -9.68 -3.88 -1.41
N SER C 152 -8.65 -4.73 -1.42
CA SER C 152 -7.30 -4.33 -1.82
C SER C 152 -7.16 -4.11 -3.32
N LYS C 153 -7.72 -5.00 -4.13
CA LYS C 153 -7.48 -4.89 -5.57
C LYS C 153 -8.67 -4.42 -6.41
N GLY C 154 -9.85 -4.36 -5.81
CA GLY C 154 -11.11 -4.13 -6.52
C GLY C 154 -11.56 -5.39 -7.24
N SER C 155 -12.81 -5.38 -7.67
CA SER C 155 -13.33 -6.47 -8.50
C SER C 155 -14.52 -6.05 -9.33
N VAL C 156 -14.59 -6.57 -10.54
CA VAL C 156 -15.73 -6.35 -11.41
C VAL C 156 -16.99 -6.85 -10.70
N GLY C 157 -18.05 -6.05 -10.75
CA GLY C 157 -19.31 -6.39 -10.10
C GLY C 157 -19.33 -6.04 -8.61
N GLN C 158 -18.26 -5.40 -8.10
CA GLN C 158 -18.12 -5.19 -6.66
C GLN C 158 -17.72 -3.77 -6.26
N THR C 159 -18.29 -2.78 -6.95
CA THR C 159 -18.14 -1.40 -6.45
C THR C 159 -18.68 -1.29 -5.02
N ASN C 160 -19.80 -1.95 -4.72
CA ASN C 160 -20.36 -1.95 -3.38
C ASN C 160 -19.51 -2.73 -2.36
N TYR C 161 -19.17 -3.97 -2.71
CA TYR C 161 -18.40 -4.85 -1.81
C TYR C 161 -16.99 -4.31 -1.52
N ALA C 162 -16.27 -3.91 -2.58
CA ALA C 162 -14.95 -3.32 -2.41
C ALA C 162 -14.98 -2.02 -1.58
N ALA C 163 -15.99 -1.16 -1.80
CA ALA C 163 -16.11 0.06 -1.05
C ALA C 163 -16.26 -0.31 0.44
N ALA C 164 -17.17 -1.23 0.72
CA ALA C 164 -17.40 -1.58 2.11
C ALA C 164 -16.17 -2.22 2.76
N LYS C 165 -15.54 -3.14 2.03
CA LYS C 165 -14.41 -3.87 2.58
C LYS C 165 -13.16 -3.00 2.73
N ALA C 166 -12.96 -2.06 1.81
CA ALA C 166 -11.85 -1.10 1.98
C ALA C 166 -12.18 -0.13 3.12
N GLY C 167 -13.44 0.28 3.23
CA GLY C 167 -13.85 1.17 4.32
C GLY C 167 -13.60 0.54 5.68
N MET C 168 -13.74 -0.77 5.79
CA MET C 168 -13.50 -1.46 7.02
CA MET C 168 -13.48 -1.51 7.04
C MET C 168 -12.06 -1.23 7.53
N HIS C 169 -11.09 -1.23 6.63
CA HIS C 169 -9.72 -0.98 7.00
C HIS C 169 -9.46 0.49 7.36
N GLY C 170 -10.15 1.43 6.73
CA GLY C 170 -10.13 2.82 7.24
C GLY C 170 -10.57 2.90 8.69
N PHE C 171 -11.65 2.22 9.02
CA PHE C 171 -12.09 2.16 10.41
C PHE C 171 -11.02 1.55 11.32
N THR C 172 -10.48 0.40 10.90
CA THR C 172 -9.41 -0.29 11.67
C THR C 172 -8.29 0.66 12.08
N LYS C 173 -7.82 1.45 11.13
CA LYS C 173 -6.67 2.33 11.39
C LYS C 173 -7.04 3.47 12.35
N SER C 174 -8.21 4.09 12.16
CA SER C 174 -8.58 5.18 13.04
C SER C 174 -8.81 4.70 14.46
N LEU C 175 -9.55 3.60 14.61
CA LEU C 175 -9.79 3.07 15.96
C LEU C 175 -8.46 2.60 16.61
N ALA C 176 -7.59 1.94 15.85
CA ALA C 176 -6.31 1.53 16.36
C ALA C 176 -5.55 2.68 16.99
N LEU C 177 -5.54 3.83 16.31
CA LEU C 177 -4.92 5.03 16.86
C LEU C 177 -5.58 5.53 18.13
N GLU C 178 -6.89 5.40 18.23
CA GLU C 178 -7.60 5.89 19.42
C GLU C 178 -7.31 5.08 20.67
N ILE C 179 -7.10 3.78 20.53
CA ILE C 179 -7.08 2.91 21.70
C ILE C 179 -5.83 2.07 21.87
N ALA C 180 -4.82 2.26 21.01
CA ALA C 180 -3.61 1.47 21.11
C ALA C 180 -2.94 1.62 22.46
N ARG C 181 -2.97 2.83 23.01
CA ARG C 181 -2.31 3.10 24.31
C ARG C 181 -2.95 2.34 25.48
N LYS C 182 -4.17 1.83 25.26
CA LYS C 182 -4.96 1.15 26.29
C LYS C 182 -4.90 -0.39 26.16
N GLY C 183 -3.94 -0.89 25.40
CA GLY C 183 -3.75 -2.33 25.25
C GLY C 183 -4.78 -3.06 24.42
N VAL C 184 -5.45 -2.32 23.54
CA VAL C 184 -6.45 -2.90 22.65
C VAL C 184 -5.88 -2.84 21.24
N THR C 185 -5.91 -3.96 20.51
CA THR C 185 -5.45 -3.94 19.13
C THR C 185 -6.66 -4.09 18.19
N VAL C 186 -6.51 -3.50 17.03
CA VAL C 186 -7.53 -3.49 15.98
C VAL C 186 -6.82 -3.80 14.66
N ASN C 187 -7.21 -4.89 14.01
CA ASN C 187 -6.53 -5.32 12.79
C ASN C 187 -7.54 -5.80 11.74
N THR C 188 -7.13 -5.70 10.48
CA THR C 188 -7.91 -6.19 9.37
C THR C 188 -7.24 -7.48 8.83
N VAL C 189 -8.06 -8.45 8.48
CA VAL C 189 -7.60 -9.66 7.77
C VAL C 189 -8.30 -9.70 6.40
N SER C 190 -7.51 -9.83 5.34
CA SER C 190 -8.03 -9.85 3.96
C SER C 190 -7.80 -11.20 3.25
N PRO C 191 -8.79 -12.10 3.31
CA PRO C 191 -8.64 -13.37 2.65
C PRO C 191 -8.85 -13.32 1.15
N GLY C 192 -8.20 -14.25 0.44
CA GLY C 192 -8.45 -14.55 -0.94
C GLY C 192 -9.56 -15.60 -1.04
N TYR C 193 -9.55 -16.39 -2.11
CA TYR C 193 -10.59 -17.41 -2.28
C TYR C 193 -10.46 -18.50 -1.25
N LEU C 194 -11.56 -18.77 -0.54
CA LEU C 194 -11.58 -19.82 0.47
C LEU C 194 -12.53 -20.95 0.10
N ALA C 195 -12.22 -22.15 0.59
CA ALA C 195 -13.04 -23.36 0.38
C ALA C 195 -14.28 -23.40 1.28
N THR C 196 -15.09 -22.36 1.20
CA THR C 196 -16.41 -22.32 1.83
C THR C 196 -17.44 -22.81 0.82
N LYS C 197 -18.67 -23.04 1.28
CA LYS C 197 -19.74 -23.63 0.46
C LYS C 197 -19.96 -22.96 -0.89
N MET C 198 -20.07 -21.65 -0.90
CA MET C 198 -20.38 -20.90 -2.12
C MET C 198 -19.23 -20.91 -3.14
N VAL C 199 -18.01 -21.12 -2.67
CA VAL C 199 -16.86 -21.23 -3.58
C VAL C 199 -16.64 -22.67 -4.07
N THR C 200 -16.71 -23.66 -3.16
CA THR C 200 -16.59 -25.08 -3.57
C THR C 200 -17.78 -25.55 -4.40
N ALA C 201 -18.88 -24.81 -4.38
CA ALA C 201 -20.02 -25.11 -5.25
C ALA C 201 -19.78 -24.70 -6.70
N ILE C 202 -18.84 -23.77 -6.94
CA ILE C 202 -18.54 -23.29 -8.31
C ILE C 202 -18.19 -24.47 -9.21
N PRO C 203 -18.76 -24.49 -10.45
CA PRO C 203 -18.51 -25.62 -11.33
C PRO C 203 -17.01 -25.76 -11.63
N GLN C 204 -16.55 -26.99 -11.82
CA GLN C 204 -15.13 -27.30 -11.95
C GLN C 204 -14.48 -26.56 -13.12
N ASP C 205 -15.17 -26.43 -14.25
CA ASP C 205 -14.64 -25.72 -15.41
C ASP C 205 -14.29 -24.26 -15.08
N ILE C 206 -15.09 -23.62 -14.24
CA ILE C 206 -14.88 -22.23 -13.85
C ILE C 206 -13.75 -22.14 -12.81
N LEU C 207 -13.77 -23.05 -11.85
CA LEU C 207 -12.69 -23.12 -10.84
C LEU C 207 -11.35 -23.32 -11.56
N ASP C 208 -11.27 -24.30 -12.46
CA ASP C 208 -10.03 -24.55 -13.19
C ASP C 208 -9.56 -23.41 -14.11
N THR C 209 -10.47 -22.73 -14.81
CA THR C 209 -10.04 -21.77 -15.82
C THR C 209 -10.06 -20.32 -15.34
N LYS C 210 -10.94 -20.01 -14.38
CA LYS C 210 -11.15 -18.62 -13.95
C LYS C 210 -10.67 -18.32 -12.53
N ILE C 211 -10.79 -19.27 -11.61
CA ILE C 211 -10.49 -19.01 -10.18
C ILE C 211 -9.03 -19.40 -9.86
N LEU C 212 -8.71 -20.69 -10.02
CA LEU C 212 -7.42 -21.20 -9.55
C LEU C 212 -6.23 -20.54 -10.28
N PRO C 213 -6.35 -20.24 -11.59
CA PRO C 213 -5.21 -19.56 -12.22
C PRO C 213 -4.87 -18.17 -11.67
N GLN C 214 -5.78 -17.55 -10.93
CA GLN C 214 -5.50 -16.27 -10.24
C GLN C 214 -4.70 -16.45 -8.95
N ILE C 215 -4.53 -17.68 -8.49
CA ILE C 215 -3.93 -17.97 -7.18
C ILE C 215 -2.60 -18.68 -7.35
N PRO C 216 -1.48 -17.99 -7.10
CA PRO C 216 -0.18 -18.66 -7.24
C PRO C 216 0.00 -19.99 -6.50
N ALA C 217 -0.59 -20.10 -5.30
CA ALA C 217 -0.54 -21.34 -4.51
C ALA C 217 -1.20 -22.54 -5.22
N GLY C 218 -2.10 -22.26 -6.15
CA GLY C 218 -2.72 -23.30 -6.97
C GLY C 218 -3.85 -24.07 -6.30
N ARG C 219 -4.40 -23.51 -5.23
CA ARG C 219 -5.47 -24.12 -4.46
C ARG C 219 -6.26 -23.03 -3.75
N LEU C 220 -7.47 -23.38 -3.34
CA LEU C 220 -8.28 -22.54 -2.46
C LEU C 220 -7.63 -22.52 -1.05
N GLY C 221 -7.85 -21.44 -0.33
CA GLY C 221 -7.46 -21.36 1.09
C GLY C 221 -8.46 -22.11 1.94
N LYS C 222 -8.00 -22.75 3.01
CA LYS C 222 -8.93 -23.44 3.88
C LYS C 222 -9.49 -22.38 4.85
N PRO C 223 -10.80 -22.44 5.15
CA PRO C 223 -11.30 -21.59 6.22
C PRO C 223 -10.49 -21.71 7.52
N GLU C 224 -10.02 -22.92 7.84
CA GLU C 224 -9.20 -23.18 9.03
C GLU C 224 -7.88 -22.38 9.04
N GLU C 225 -7.34 -22.10 7.86
CA GLU C 225 -6.09 -21.31 7.75
C GLU C 225 -6.37 -19.85 8.09
N VAL C 226 -7.48 -19.31 7.62
CA VAL C 226 -7.86 -17.95 8.03
C VAL C 226 -8.14 -17.90 9.54
N ALA C 227 -8.86 -18.90 10.05
CA ALA C 227 -9.09 -19.03 11.51
C ALA C 227 -7.81 -19.03 12.32
N ALA C 228 -6.78 -19.70 11.79
CA ALA C 228 -5.47 -19.69 12.47
C ALA C 228 -4.85 -18.29 12.56
N LEU C 229 -4.98 -17.52 11.51
CA LEU C 229 -4.47 -16.15 11.51
C LEU C 229 -5.25 -15.30 12.51
N VAL C 230 -6.58 -15.43 12.51
CA VAL C 230 -7.42 -14.73 13.51
C VAL C 230 -7.02 -15.13 14.95
N ALA C 231 -6.80 -16.42 15.20
CA ALA C 231 -6.36 -16.87 16.53
C ALA C 231 -5.00 -16.25 16.91
N TYR C 232 -4.06 -16.22 15.98
CA TYR C 232 -2.81 -15.53 16.23
C TYR C 232 -3.04 -14.05 16.64
N LEU C 233 -3.84 -13.31 15.87
CA LEU C 233 -4.07 -11.90 16.19
C LEU C 233 -4.73 -11.72 17.56
N CYS C 234 -5.53 -12.71 17.97
CA CYS C 234 -6.27 -12.66 19.21
C CYS C 234 -5.44 -13.10 20.42
N SER C 235 -4.22 -13.57 20.16
CA SER C 235 -3.35 -14.10 21.21
C SER C 235 -2.67 -13.01 22.04
N GLU C 236 -2.18 -13.42 23.19
CA GLU C 236 -1.52 -12.52 24.10
C GLU C 236 -0.21 -12.03 23.47
N GLU C 237 0.47 -12.84 22.66
CA GLU C 237 1.70 -12.38 22.05
C GLU C 237 1.57 -11.49 20.80
N ALA C 238 0.35 -11.24 20.33
CA ALA C 238 0.15 -10.33 19.16
C ALA C 238 -0.16 -8.89 19.56
N GLY C 239 0.18 -8.50 20.79
CA GLY C 239 -0.17 -7.18 21.27
C GLY C 239 0.52 -6.00 20.62
N PHE C 240 1.62 -6.25 19.89
CA PHE C 240 2.33 -5.19 19.15
C PHE C 240 1.91 -5.05 17.68
N VAL C 241 0.90 -5.84 17.28
CA VAL C 241 0.35 -5.72 15.94
C VAL C 241 -0.92 -4.94 16.03
N THR C 242 -0.96 -3.75 15.44
CA THR C 242 -2.19 -2.98 15.41
C THR C 242 -2.26 -2.05 14.24
N GLY C 243 -3.47 -1.85 13.72
CA GLY C 243 -3.67 -1.03 12.54
C GLY C 243 -3.30 -1.67 11.21
N SER C 244 -3.03 -2.97 11.24
CA SER C 244 -2.51 -3.69 10.09
C SER C 244 -3.62 -4.29 9.24
N ASN C 245 -3.30 -4.65 7.99
CA ASN C 245 -4.17 -5.38 7.09
C ASN C 245 -3.32 -6.57 6.61
N ILE C 246 -3.63 -7.77 7.12
CA ILE C 246 -2.87 -8.97 6.79
C ILE C 246 -3.55 -9.72 5.64
N ALA C 247 -2.79 -9.87 4.55
CA ALA C 247 -3.26 -10.58 3.37
C ALA C 247 -3.05 -12.10 3.52
N ILE C 248 -4.11 -12.87 3.32
CA ILE C 248 -4.03 -14.34 3.34
C ILE C 248 -4.75 -14.85 2.09
N ASN C 249 -4.02 -14.84 0.97
CA ASN C 249 -4.64 -14.97 -0.36
C ASN C 249 -3.88 -15.88 -1.33
N GLY C 250 -2.90 -16.64 -0.83
CA GLY C 250 -2.20 -17.57 -1.70
C GLY C 250 -1.37 -16.89 -2.80
N GLY C 251 -1.09 -15.61 -2.59
CA GLY C 251 -0.34 -14.81 -3.54
C GLY C 251 -1.17 -14.14 -4.62
N GLN C 252 -2.50 -14.22 -4.50
CA GLN C 252 -3.38 -13.65 -5.50
C GLN C 252 -3.14 -12.16 -5.70
N HIS C 253 -2.83 -11.47 -4.61
CA HIS C 253 -2.51 -10.05 -4.68
C HIS C 253 -1.33 -9.73 -3.77
N MET C 254 -0.41 -8.91 -4.28
CA MET C 254 0.79 -8.47 -3.55
C MET C 254 0.96 -6.97 -3.81
N HIS C 255 1.55 -6.25 -2.86
CA HIS C 255 1.77 -4.81 -3.06
C HIS C 255 2.95 -4.25 -2.29
N LYS D 11 -15.95 21.28 -26.43
CA LYS D 11 -15.36 21.25 -25.05
C LYS D 11 -15.99 20.11 -24.24
N ARG D 12 -15.19 19.53 -23.36
CA ARG D 12 -15.71 18.53 -22.40
C ARG D 12 -16.49 19.26 -21.32
N ILE D 13 -17.54 18.59 -20.82
CA ILE D 13 -18.38 19.06 -19.74
C ILE D 13 -18.01 18.37 -18.44
N ALA D 14 -17.70 19.17 -17.43
CA ALA D 14 -17.29 18.63 -16.14
C ALA D 14 -18.29 19.05 -15.07
N VAL D 15 -18.53 18.13 -14.14
CA VAL D 15 -19.37 18.38 -12.98
C VAL D 15 -18.48 18.22 -11.74
N VAL D 16 -18.46 19.24 -10.89
CA VAL D 16 -17.69 19.23 -9.63
C VAL D 16 -18.68 19.38 -8.46
N THR D 17 -18.85 18.32 -7.69
CA THR D 17 -19.69 18.40 -6.51
C THR D 17 -18.94 19.18 -5.42
N GLY D 18 -19.66 19.92 -4.60
CA GLY D 18 -19.04 20.83 -3.66
C GLY D 18 -18.20 21.90 -4.34
N GLY D 19 -18.60 22.27 -5.57
CA GLY D 19 -17.77 23.10 -6.44
C GLY D 19 -17.64 24.54 -6.01
N MET D 20 -18.38 24.94 -4.98
CA MET D 20 -18.28 26.30 -4.45
C MET D 20 -17.52 26.37 -3.14
N GLY D 21 -17.14 25.22 -2.58
CA GLY D 21 -16.40 25.17 -1.34
C GLY D 21 -14.92 25.36 -1.52
N GLY D 22 -14.14 25.17 -0.46
CA GLY D 22 -12.72 25.51 -0.48
C GLY D 22 -11.94 24.85 -1.60
N LEU D 23 -11.87 23.54 -1.57
CA LEU D 23 -11.15 22.81 -2.61
C LEU D 23 -11.97 22.81 -3.90
N GLY D 24 -13.28 22.67 -3.79
CA GLY D 24 -14.11 22.58 -4.97
C GLY D 24 -14.03 23.79 -5.88
N GLU D 25 -13.97 24.98 -5.31
CA GLU D 25 -13.84 26.19 -6.11
C GLU D 25 -12.53 26.16 -6.90
N ALA D 26 -11.46 25.76 -6.23
CA ALA D 26 -10.15 25.71 -6.87
C ALA D 26 -10.15 24.72 -8.03
N VAL D 27 -10.78 23.55 -7.81
CA VAL D 27 -10.95 22.57 -8.88
C VAL D 27 -11.76 23.16 -10.04
N SER D 28 -12.86 23.81 -9.72
CA SER D 28 -13.75 24.39 -10.73
C SER D 28 -13.04 25.44 -11.58
N ILE D 29 -12.29 26.33 -10.92
CA ILE D 29 -11.47 27.34 -11.59
C ILE D 29 -10.44 26.71 -12.49
N ARG D 30 -9.73 25.71 -12.00
CA ARG D 30 -8.68 25.13 -12.85
C ARG D 30 -9.28 24.37 -14.04
N LEU D 31 -10.35 23.61 -13.85
CA LEU D 31 -10.98 22.91 -14.96
C LEU D 31 -11.53 23.89 -16.01
N ASN D 32 -12.07 25.01 -15.56
CA ASN D 32 -12.53 26.03 -16.50
C ASN D 32 -11.33 26.58 -17.29
N ASP D 33 -10.26 26.89 -16.58
CA ASP D 33 -9.06 27.47 -17.20
C ASP D 33 -8.36 26.50 -18.16
N ALA D 34 -8.57 25.20 -17.95
CA ALA D 34 -8.05 24.19 -18.84
C ALA D 34 -8.89 24.04 -20.12
N GLY D 35 -10.04 24.74 -20.19
CA GLY D 35 -10.89 24.75 -21.36
C GLY D 35 -12.16 23.93 -21.25
N HIS D 36 -12.43 23.38 -20.09
CA HIS D 36 -13.68 22.61 -19.91
C HIS D 36 -14.87 23.51 -19.55
N ARG D 37 -16.08 23.07 -19.91
CA ARG D 37 -17.32 23.70 -19.47
C ARG D 37 -17.70 23.11 -18.10
N VAL D 38 -17.64 23.95 -17.07
CA VAL D 38 -17.78 23.49 -15.68
C VAL D 38 -19.16 23.81 -15.08
N VAL D 39 -19.76 22.74 -14.56
CA VAL D 39 -21.00 22.78 -13.82
C VAL D 39 -20.67 22.38 -12.39
N VAL D 40 -21.06 23.23 -11.44
CA VAL D 40 -20.98 22.94 -10.02
C VAL D 40 -22.33 22.56 -9.42
N THR D 41 -22.31 21.76 -8.36
CA THR D 41 -23.48 21.54 -7.52
C THR D 41 -23.35 22.34 -6.23
N TYR D 42 -24.48 22.62 -5.60
CA TYR D 42 -24.49 23.30 -4.30
C TYR D 42 -25.46 22.56 -3.39
N SER D 43 -25.16 22.53 -2.09
CA SER D 43 -25.95 21.72 -1.18
C SER D 43 -27.22 22.44 -0.74
N PRO D 44 -28.14 21.70 -0.09
CA PRO D 44 -29.35 22.28 0.50
C PRO D 44 -29.11 23.46 1.44
N ASN D 45 -27.98 23.46 2.17
CA ASN D 45 -27.67 24.53 3.14
C ASN D 45 -26.94 25.74 2.55
N ASN D 46 -26.70 25.73 1.25
CA ASN D 46 -25.99 26.83 0.60
C ASN D 46 -26.97 27.84 0.02
N THR D 47 -27.03 29.02 0.64
CA THR D 47 -27.89 30.11 0.20
C THR D 47 -27.12 31.19 -0.59
N GLY D 48 -25.93 30.83 -1.08
CA GLY D 48 -25.02 31.78 -1.71
C GLY D 48 -24.65 31.50 -3.15
N ALA D 49 -25.39 30.63 -3.83
CA ALA D 49 -25.08 30.23 -5.21
C ALA D 49 -25.08 31.44 -6.15
N ASP D 50 -26.11 32.27 -6.05
CA ASP D 50 -26.24 33.42 -6.92
C ASP D 50 -25.02 34.33 -6.77
N ARG D 51 -24.67 34.62 -5.53
CA ARG D 51 -23.53 35.48 -5.22
C ARG D 51 -22.21 34.88 -5.72
N TRP D 52 -22.07 33.57 -5.57
CA TRP D 52 -20.84 32.90 -6.02
C TRP D 52 -20.72 32.99 -7.54
N LEU D 53 -21.81 32.73 -8.26
CA LEU D 53 -21.80 32.83 -9.72
C LEU D 53 -21.41 34.23 -10.16
N THR D 54 -21.96 35.23 -9.48
CA THR D 54 -21.61 36.63 -9.76
C THR D 54 -20.12 36.89 -9.51
N GLU D 55 -19.64 36.47 -8.34
CA GLU D 55 -18.24 36.63 -7.99
C GLU D 55 -17.33 35.96 -9.03
N MET D 56 -17.68 34.74 -9.43
CA MET D 56 -16.81 34.01 -10.37
C MET D 56 -16.78 34.69 -11.74
N HIS D 57 -17.92 35.23 -12.16
CA HIS D 57 -17.99 35.93 -13.44
C HIS D 57 -17.24 37.27 -13.38
N ALA D 58 -17.27 37.95 -12.23
CA ALA D 58 -16.48 39.18 -12.05
C ALA D 58 -14.96 38.93 -12.13
N ALA D 59 -14.53 37.70 -11.85
CA ALA D 59 -13.14 37.29 -12.04
C ALA D 59 -12.94 36.58 -13.39
N GLY D 60 -13.93 36.69 -14.29
CA GLY D 60 -13.80 36.29 -15.69
C GLY D 60 -14.26 34.88 -16.06
N ARG D 61 -15.00 34.24 -15.18
CA ARG D 61 -15.35 32.83 -15.38
C ARG D 61 -16.85 32.59 -15.32
N GLU D 62 -17.35 31.80 -16.27
CA GLU D 62 -18.74 31.41 -16.37
C GLU D 62 -18.94 29.95 -15.93
N PHE D 63 -19.73 29.79 -14.88
CA PHE D 63 -20.10 28.47 -14.35
C PHE D 63 -21.61 28.30 -14.44
N HIS D 64 -22.06 27.06 -14.53
CA HIS D 64 -23.46 26.69 -14.26
C HIS D 64 -23.50 26.10 -12.85
N ALA D 65 -24.64 26.22 -12.19
CA ALA D 65 -24.80 25.71 -10.81
C ALA D 65 -26.17 25.06 -10.63
N TYR D 66 -26.16 23.87 -10.04
CA TYR D 66 -27.39 23.10 -9.76
C TYR D 66 -27.43 22.61 -8.31
N PRO D 67 -28.61 22.66 -7.68
CA PRO D 67 -28.73 22.11 -6.33
C PRO D 67 -28.69 20.59 -6.33
N VAL D 68 -28.11 20.00 -5.29
CA VAL D 68 -28.13 18.56 -5.11
C VAL D 68 -27.87 18.24 -3.66
N ASP D 69 -28.44 17.12 -3.19
CA ASP D 69 -28.05 16.49 -1.93
C ASP D 69 -27.33 15.20 -2.31
N VAL D 70 -25.99 15.20 -2.22
CA VAL D 70 -25.25 14.02 -2.66
C VAL D 70 -25.51 12.75 -1.86
N ALA D 71 -26.09 12.90 -0.67
CA ALA D 71 -26.45 11.74 0.16
C ALA D 71 -27.76 11.10 -0.33
N ASP D 72 -28.43 11.68 -1.31
CA ASP D 72 -29.73 11.17 -1.74
C ASP D 72 -29.70 10.79 -3.22
N HIS D 73 -29.94 9.50 -3.48
CA HIS D 73 -29.82 8.91 -4.82
C HIS D 73 -30.71 9.60 -5.86
N ASP D 74 -31.95 9.88 -5.48
CA ASP D 74 -32.89 10.47 -6.41
C ASP D 74 -32.58 11.92 -6.73
N SER D 75 -32.12 12.64 -5.71
CA SER D 75 -31.66 14.02 -5.88
C SER D 75 -30.53 14.11 -6.91
N CYS D 76 -29.58 13.18 -6.84
CA CYS D 76 -28.47 13.19 -7.77
C CYS D 76 -28.91 12.81 -9.18
N GLN D 77 -29.82 11.84 -9.29
CA GLN D 77 -30.30 11.43 -10.62
C GLN D 77 -31.01 12.61 -11.30
N GLN D 78 -31.82 13.33 -10.54
CA GLN D 78 -32.57 14.48 -11.07
C GLN D 78 -31.65 15.61 -11.47
N CYS D 79 -30.61 15.83 -10.65
CA CYS D 79 -29.61 16.87 -10.92
C CYS D 79 -28.90 16.60 -12.25
N ILE D 80 -28.42 15.38 -12.40
CA ILE D 80 -27.77 14.98 -13.64
C ILE D 80 -28.70 15.11 -14.85
N GLU D 81 -29.99 14.78 -14.69
CA GLU D 81 -30.96 14.88 -15.81
C GLU D 81 -31.02 16.32 -16.30
N LYS D 82 -31.12 17.26 -15.36
CA LYS D 82 -31.20 18.69 -15.67
C LYS D 82 -29.94 19.19 -16.35
N ILE D 83 -28.78 18.75 -15.87
CA ILE D 83 -27.51 19.16 -16.46
C ILE D 83 -27.40 18.69 -17.91
N VAL D 84 -27.77 17.43 -18.14
CA VAL D 84 -27.71 16.88 -19.50
C VAL D 84 -28.69 17.65 -20.40
N ARG D 85 -29.89 17.96 -19.89
CA ARG D 85 -30.90 18.69 -20.65
CA ARG D 85 -30.90 18.70 -20.65
C ARG D 85 -30.42 20.10 -20.99
N ASP D 86 -29.88 20.82 -19.98
CA ASP D 86 -29.52 22.25 -20.15
C ASP D 86 -28.13 22.53 -20.73
N VAL D 87 -27.16 21.69 -20.40
CA VAL D 87 -25.74 21.92 -20.72
C VAL D 87 -25.23 20.91 -21.74
N GLY D 88 -25.33 19.62 -21.42
CA GLY D 88 -24.92 18.52 -22.32
C GLY D 88 -24.45 17.32 -21.51
N PRO D 89 -24.08 16.23 -22.21
CA PRO D 89 -23.65 14.99 -21.56
C PRO D 89 -22.37 15.20 -20.75
N VAL D 90 -22.29 14.53 -19.61
CA VAL D 90 -21.17 14.72 -18.68
C VAL D 90 -19.97 13.87 -19.09
N ASP D 91 -18.84 14.52 -19.36
CA ASP D 91 -17.59 13.84 -19.70
C ASP D 91 -16.66 13.58 -18.49
N ILE D 92 -16.72 14.49 -17.53
CA ILE D 92 -15.81 14.53 -16.39
C ILE D 92 -16.66 14.69 -15.13
N LEU D 93 -16.43 13.84 -14.13
CA LEU D 93 -17.06 13.97 -12.81
C LEU D 93 -16.00 14.00 -11.70
N VAL D 94 -16.03 15.05 -10.87
CA VAL D 94 -15.19 15.13 -9.67
C VAL D 94 -16.08 15.05 -8.46
N ASN D 95 -15.99 13.89 -7.78
CA ASN D 95 -16.67 13.65 -6.51
C ASN D 95 -15.87 14.26 -5.34
N ASN D 96 -16.15 15.53 -5.09
CA ASN D 96 -15.44 16.36 -4.11
C ASN D 96 -16.28 16.65 -2.85
N ALA D 97 -17.60 16.62 -2.95
CA ALA D 97 -18.40 16.90 -1.78
C ALA D 97 -18.05 15.92 -0.63
N GLY D 98 -17.96 16.46 0.57
CA GLY D 98 -17.70 15.65 1.76
C GLY D 98 -17.78 16.51 3.00
N ILE D 99 -18.02 15.88 4.14
CA ILE D 99 -18.09 16.55 5.44
C ILE D 99 -17.29 15.78 6.49
N THR D 100 -17.06 16.44 7.63
CA THR D 100 -16.55 15.76 8.83
C THR D 100 -17.54 15.84 9.96
N ARG D 101 -17.59 14.79 10.78
CA ARG D 101 -18.29 14.83 12.08
C ARG D 101 -17.38 14.11 13.09
N ASP D 102 -16.30 14.78 13.44
CA ASP D 102 -15.21 14.17 14.23
C ASP D 102 -15.61 13.92 15.70
N MET D 103 -15.44 12.68 16.12
CA MET D 103 -15.78 12.20 17.46
C MET D 103 -15.03 10.88 17.63
N THR D 104 -14.38 10.65 18.78
CA THR D 104 -13.85 9.32 19.08
C THR D 104 -14.98 8.31 19.05
N LEU D 105 -14.68 7.04 18.78
CA LEU D 105 -15.70 6.01 18.70
C LEU D 105 -16.52 5.94 19.99
N ARG D 106 -15.86 6.15 21.11
CA ARG D 106 -16.51 6.12 22.44
C ARG D 106 -17.69 7.10 22.50
N LYS D 107 -17.54 8.25 21.84
CA LYS D 107 -18.54 9.34 21.86
C LYS D 107 -19.34 9.46 20.55
N LEU D 108 -18.95 8.71 19.51
CA LEU D 108 -19.58 8.87 18.19
C LEU D 108 -20.94 8.18 18.19
N ASP D 109 -21.98 8.91 17.83
CA ASP D 109 -23.29 8.27 17.75
C ASP D 109 -23.65 7.92 16.32
N LYS D 110 -24.67 7.09 16.18
CA LYS D 110 -25.09 6.60 14.89
C LYS D 110 -25.45 7.72 13.93
N VAL D 111 -26.07 8.79 14.43
CA VAL D 111 -26.41 9.93 13.57
C VAL D 111 -25.18 10.46 12.81
N ASN D 112 -24.08 10.62 13.54
CA ASN D 112 -22.89 11.21 12.97
C ASN D 112 -22.01 10.20 12.20
N TRP D 113 -22.15 8.92 12.53
CA TRP D 113 -21.59 7.86 11.71
C TRP D 113 -22.26 7.91 10.35
N ASP D 114 -23.60 7.79 10.36
CA ASP D 114 -24.40 7.81 9.16
C ASP D 114 -24.19 9.06 8.30
N ALA D 115 -24.17 10.25 8.92
CA ALA D 115 -24.03 11.50 8.14
C ALA D 115 -22.79 11.45 7.26
N VAL D 116 -21.69 10.98 7.83
CA VAL D 116 -20.41 10.91 7.10
C VAL D 116 -20.35 9.79 6.06
N ILE D 117 -20.83 8.59 6.39
CA ILE D 117 -20.88 7.52 5.39
C ILE D 117 -21.78 7.89 4.21
N ARG D 118 -22.98 8.36 4.50
CA ARG D 118 -23.91 8.70 3.42
C ARG D 118 -23.45 9.88 2.58
N THR D 119 -22.91 10.90 3.23
CA THR D 119 -22.46 12.07 2.49
C THR D 119 -21.13 11.83 1.73
N ASN D 120 -20.21 11.11 2.33
CA ASN D 120 -18.86 11.00 1.77
C ASN D 120 -18.62 9.77 0.88
N LEU D 121 -19.34 8.68 1.15
CA LEU D 121 -19.17 7.44 0.40
C LEU D 121 -20.39 7.11 -0.47
N ASP D 122 -21.62 7.16 0.06
CA ASP D 122 -22.78 6.85 -0.77
C ASP D 122 -22.80 7.81 -1.95
N SER D 123 -22.34 9.02 -1.73
CA SER D 123 -22.31 10.06 -2.77
C SER D 123 -21.58 9.61 -4.05
N VAL D 124 -20.52 8.83 -3.87
CA VAL D 124 -19.77 8.34 -5.04
C VAL D 124 -20.63 7.43 -5.93
N PHE D 125 -21.39 6.53 -5.33
CA PHE D 125 -22.40 5.75 -6.07
C PHE D 125 -23.49 6.66 -6.66
N ASN D 126 -24.04 7.54 -5.83
CA ASN D 126 -25.21 8.36 -6.23
C ASN D 126 -24.92 9.28 -7.43
N MET D 127 -23.73 9.88 -7.45
CA MET D 127 -23.32 10.79 -8.52
C MET D 127 -22.71 10.07 -9.73
N THR D 128 -22.01 8.97 -9.49
CA THR D 128 -21.30 8.32 -10.59
C THR D 128 -22.25 7.43 -11.40
N LYS D 129 -23.14 6.72 -10.73
CA LYS D 129 -24.07 5.85 -11.47
C LYS D 129 -24.75 6.56 -12.66
N PRO D 130 -25.32 7.77 -12.45
CA PRO D 130 -26.05 8.39 -13.57
C PRO D 130 -25.21 8.98 -14.72
N VAL D 131 -23.87 9.02 -14.59
CA VAL D 131 -23.02 9.56 -15.67
C VAL D 131 -22.22 8.50 -16.41
N CYS D 132 -22.12 7.32 -15.85
CA CYS D 132 -21.16 6.36 -16.36
CA CYS D 132 -21.18 6.32 -16.37
C CYS D 132 -21.55 5.76 -17.73
N ASP D 133 -22.84 5.51 -17.94
CA ASP D 133 -23.30 4.89 -19.20
C ASP D 133 -22.93 5.76 -20.39
N GLY D 134 -23.09 7.07 -20.25
CA GLY D 134 -22.79 7.98 -21.33
C GLY D 134 -21.32 8.02 -21.67
N MET D 135 -20.47 8.04 -20.64
CA MET D 135 -19.02 8.03 -20.87
C MET D 135 -18.59 6.77 -21.63
N VAL D 136 -19.11 5.62 -21.19
CA VAL D 136 -18.83 4.34 -21.83
C VAL D 136 -19.30 4.34 -23.29
N GLU D 137 -20.51 4.86 -23.51
CA GLU D 137 -21.09 4.90 -24.84
C GLU D 137 -20.23 5.70 -25.81
N ARG D 138 -19.69 6.81 -25.34
CA ARG D 138 -18.85 7.69 -26.16
C ARG D 138 -17.38 7.28 -26.21
N GLY D 139 -17.00 6.34 -25.35
CA GLY D 139 -15.63 5.87 -25.26
C GLY D 139 -14.66 6.85 -24.64
N TRP D 140 -15.14 7.77 -23.81
CA TRP D 140 -14.25 8.70 -23.12
C TRP D 140 -14.89 9.19 -21.84
N GLY D 141 -14.16 9.10 -20.74
CA GLY D 141 -14.65 9.67 -19.50
C GLY D 141 -13.53 9.78 -18.47
N ARG D 142 -13.73 10.68 -17.52
CA ARG D 142 -12.84 10.86 -16.39
C ARG D 142 -13.65 11.01 -15.14
N ILE D 143 -13.41 10.11 -14.18
CA ILE D 143 -14.00 10.19 -12.84
C ILE D 143 -12.89 10.31 -11.79
N VAL D 144 -12.96 11.38 -10.99
CA VAL D 144 -11.95 11.62 -9.94
C VAL D 144 -12.65 11.74 -8.60
N ASN D 145 -12.23 10.90 -7.67
CA ASN D 145 -12.79 10.83 -6.34
C ASN D 145 -11.83 11.48 -5.33
N ILE D 146 -12.28 12.49 -4.62
CA ILE D 146 -11.44 13.16 -3.62
C ILE D 146 -11.55 12.46 -2.25
N SER D 147 -10.47 11.75 -1.91
CA SER D 147 -10.35 11.05 -0.63
C SER D 147 -9.59 11.97 0.36
N SER D 148 -8.65 11.41 1.11
CA SER D 148 -7.92 12.12 2.15
C SER D 148 -6.75 11.27 2.57
N VAL D 149 -5.65 11.91 2.93
CA VAL D 149 -4.56 11.24 3.67
C VAL D 149 -5.06 10.44 4.87
N ASN D 150 -6.15 10.89 5.51
CA ASN D 150 -6.66 10.17 6.68
C ASN D 150 -7.36 8.86 6.31
N GLY D 151 -7.79 8.71 5.06
CA GLY D 151 -8.24 7.38 4.62
C GLY D 151 -7.05 6.42 4.55
N SER D 152 -5.88 6.95 4.17
CA SER D 152 -4.66 6.14 4.09
C SER D 152 -4.07 5.80 5.43
N LYS D 153 -4.01 6.78 6.33
CA LYS D 153 -3.30 6.55 7.58
C LYS D 153 -4.19 6.34 8.82
N GLY D 154 -5.48 6.64 8.69
CA GLY D 154 -6.38 6.74 9.82
C GLY D 154 -6.19 8.04 10.59
N SER D 155 -7.13 8.35 11.46
CA SER D 155 -7.02 9.52 12.31
C SER D 155 -7.90 9.38 13.55
N VAL D 156 -7.37 9.83 14.68
CA VAL D 156 -8.16 9.89 15.91
C VAL D 156 -9.39 10.77 15.66
N GLY D 157 -10.55 10.29 16.10
CA GLY D 157 -11.81 10.99 15.96
C GLY D 157 -12.48 10.79 14.60
N GLN D 158 -11.87 9.94 13.77
CA GLN D 158 -12.30 9.77 12.39
C GLN D 158 -12.49 8.30 11.96
N THR D 159 -13.07 7.48 12.84
CA THR D 159 -13.50 6.18 12.37
C THR D 159 -14.50 6.31 11.21
N ASN D 160 -15.43 7.26 11.32
CA ASN D 160 -16.38 7.53 10.25
C ASN D 160 -15.75 8.09 8.98
N TYR D 161 -14.95 9.14 9.11
CA TYR D 161 -14.39 9.82 7.92
C TYR D 161 -13.39 8.92 7.20
N ALA D 162 -12.51 8.25 7.95
CA ALA D 162 -11.53 7.36 7.32
C ALA D 162 -12.19 6.15 6.66
N ALA D 163 -13.24 5.63 7.28
CA ALA D 163 -13.98 4.54 6.65
C ALA D 163 -14.56 5.00 5.32
N ALA D 164 -15.20 6.15 5.33
CA ALA D 164 -15.79 6.67 4.11
C ALA D 164 -14.71 6.94 3.03
N LYS D 165 -13.64 7.61 3.43
CA LYS D 165 -12.59 8.00 2.48
C LYS D 165 -11.80 6.79 1.94
N ALA D 166 -11.54 5.80 2.79
CA ALA D 166 -10.93 4.54 2.28
C ALA D 166 -11.93 3.81 1.38
N GLY D 167 -13.21 3.85 1.74
CA GLY D 167 -14.20 3.18 0.92
C GLY D 167 -14.25 3.74 -0.48
N MET D 168 -14.06 5.05 -0.60
CA MET D 168 -14.09 5.67 -1.90
CA MET D 168 -14.05 5.70 -1.92
C MET D 168 -13.04 5.04 -2.86
N HIS D 169 -11.87 4.71 -2.35
CA HIS D 169 -10.85 4.10 -3.19
C HIS D 169 -11.20 2.66 -3.55
N GLY D 170 -11.85 1.92 -2.64
CA GLY D 170 -12.38 0.62 -3.05
C GLY D 170 -13.32 0.72 -4.26
N PHE D 171 -14.24 1.69 -4.19
CA PHE D 171 -15.10 2.01 -5.31
C PHE D 171 -14.29 2.30 -6.57
N THR D 172 -13.31 3.20 -6.47
CA THR D 172 -12.42 3.53 -7.59
C THR D 172 -11.84 2.31 -8.32
N LYS D 173 -11.30 1.37 -7.55
CA LYS D 173 -10.62 0.23 -8.12
C LYS D 173 -11.61 -0.69 -8.83
N SER D 174 -12.75 -0.95 -8.19
CA SER D 174 -13.73 -1.84 -8.83
C SER D 174 -14.31 -1.20 -10.09
N LEU D 175 -14.65 0.09 -10.03
CA LEU D 175 -15.22 0.70 -11.24
C LEU D 175 -14.18 0.76 -12.34
N ALA D 176 -12.94 1.09 -11.97
CA ALA D 176 -11.86 1.19 -12.96
C ALA D 176 -11.76 -0.12 -13.76
N LEU D 177 -11.81 -1.24 -13.05
CA LEU D 177 -11.81 -2.53 -13.72
C LEU D 177 -13.01 -2.74 -14.65
N GLU D 178 -14.19 -2.26 -14.26
CA GLU D 178 -15.38 -2.47 -15.08
C GLU D 178 -15.31 -1.76 -16.43
N ILE D 179 -14.71 -0.57 -16.44
CA ILE D 179 -14.86 0.32 -17.61
C ILE D 179 -13.57 0.81 -18.25
N ALA D 180 -12.42 0.34 -17.78
CA ALA D 180 -11.14 0.73 -18.38
C ALA D 180 -11.10 0.47 -19.90
N ARG D 181 -11.70 -0.64 -20.32
CA ARG D 181 -11.65 -1.05 -21.72
C ARG D 181 -12.42 -0.08 -22.65
N LYS D 182 -13.24 0.78 -22.06
CA LYS D 182 -14.13 1.68 -22.77
C LYS D 182 -13.61 3.12 -22.77
N GLY D 183 -12.34 3.32 -22.41
CA GLY D 183 -11.73 4.65 -22.49
C GLY D 183 -12.10 5.62 -21.36
N VAL D 184 -12.63 5.09 -20.27
CA VAL D 184 -12.98 5.89 -19.09
C VAL D 184 -12.01 5.52 -17.99
N THR D 185 -11.43 6.52 -17.35
CA THR D 185 -10.59 6.30 -16.19
C THR D 185 -11.29 6.72 -14.88
N VAL D 186 -10.86 6.08 -13.80
CA VAL D 186 -11.40 6.33 -12.49
C VAL D 186 -10.19 6.33 -11.52
N ASN D 187 -10.00 7.42 -10.79
CA ASN D 187 -8.85 7.59 -9.91
C ASN D 187 -9.23 8.31 -8.66
N THR D 188 -8.45 8.03 -7.62
CA THR D 188 -8.60 8.69 -6.32
C THR D 188 -7.45 9.66 -6.10
N VAL D 189 -7.77 10.83 -5.54
CA VAL D 189 -6.76 11.80 -5.12
C VAL D 189 -6.88 11.97 -3.61
N SER D 190 -5.76 11.89 -2.88
CA SER D 190 -5.78 11.92 -1.42
C SER D 190 -4.95 13.07 -0.92
N PRO D 191 -5.59 14.21 -0.69
CA PRO D 191 -4.83 15.35 -0.18
C PRO D 191 -4.47 15.28 1.29
N GLY D 192 -3.36 15.92 1.64
CA GLY D 192 -3.04 16.23 3.04
C GLY D 192 -3.72 17.53 3.47
N TYR D 193 -3.13 18.22 4.44
CA TYR D 193 -3.69 19.49 4.92
C TYR D 193 -3.58 20.61 3.88
N LEU D 194 -4.71 21.25 3.60
CA LEU D 194 -4.82 22.29 2.57
C LEU D 194 -5.22 23.61 3.20
N ALA D 195 -4.83 24.69 2.53
CA ALA D 195 -5.15 26.05 2.99
C ALA D 195 -6.56 26.47 2.57
N THR D 196 -7.55 25.70 2.99
CA THR D 196 -8.94 26.06 2.85
C THR D 196 -9.35 26.81 4.11
N LYS D 197 -10.52 27.47 4.05
CA LYS D 197 -10.99 28.39 5.09
C LYS D 197 -10.88 27.84 6.48
N MET D 198 -11.34 26.61 6.68
CA MET D 198 -11.37 26.03 8.00
C MET D 198 -10.02 25.56 8.54
N VAL D 199 -9.06 25.30 7.65
CA VAL D 199 -7.69 24.94 8.08
C VAL D 199 -6.90 26.21 8.42
N THR D 200 -6.99 27.23 7.55
CA THR D 200 -6.36 28.52 7.82
C THR D 200 -6.97 29.23 9.03
N ALA D 201 -8.18 28.87 9.42
CA ALA D 201 -8.83 29.44 10.62
C ALA D 201 -8.25 28.90 11.91
N ILE D 202 -7.55 27.77 11.84
CA ILE D 202 -6.98 27.14 13.01
C ILE D 202 -5.99 28.10 13.65
N PRO D 203 -6.07 28.30 14.99
CA PRO D 203 -5.18 29.30 15.57
C PRO D 203 -3.70 28.96 15.41
N GLN D 204 -2.86 30.01 15.42
CA GLN D 204 -1.45 29.86 15.08
C GLN D 204 -0.70 28.87 15.99
N ASP D 205 -1.05 28.80 17.27
CA ASP D 205 -0.35 27.90 18.21
C ASP D 205 -0.53 26.43 17.82
N ILE D 206 -1.75 26.07 17.43
CA ILE D 206 -2.07 24.71 17.00
C ILE D 206 -1.48 24.43 15.61
N LEU D 207 -1.59 25.39 14.69
CA LEU D 207 -0.95 25.22 13.37
C LEU D 207 0.52 24.92 13.56
N ASP D 208 1.18 25.68 14.42
CA ASP D 208 2.64 25.59 14.58
C ASP D 208 3.10 24.33 15.30
N THR D 209 2.33 23.87 16.28
CA THR D 209 2.76 22.75 17.13
C THR D 209 2.14 21.42 16.76
N LYS D 210 0.93 21.44 16.18
CA LYS D 210 0.19 20.20 15.90
C LYS D 210 0.06 19.86 14.42
N ILE D 211 -0.08 20.86 13.55
CA ILE D 211 -0.37 20.62 12.15
C ILE D 211 0.92 20.59 11.32
N LEU D 212 1.59 21.73 11.22
CA LEU D 212 2.75 21.82 10.35
C LEU D 212 3.87 20.83 10.66
N PRO D 213 4.12 20.48 11.94
CA PRO D 213 5.18 19.49 12.16
C PRO D 213 4.90 18.09 11.61
N GLN D 214 3.65 17.80 11.26
CA GLN D 214 3.30 16.55 10.59
C GLN D 214 3.66 16.54 9.11
N ILE D 215 4.03 17.69 8.56
CA ILE D 215 4.18 17.88 7.11
C ILE D 215 5.63 18.17 6.75
N PRO D 216 6.33 17.19 6.15
CA PRO D 216 7.74 17.46 5.86
C PRO D 216 7.97 18.71 4.98
N ALA D 217 7.05 19.00 4.05
CA ALA D 217 7.16 20.24 3.26
C ALA D 217 7.16 21.50 4.12
N GLY D 218 6.63 21.45 5.34
CA GLY D 218 6.68 22.63 6.24
C GLY D 218 5.66 23.73 5.93
N ARG D 219 4.63 23.40 5.16
CA ARG D 219 3.59 24.34 4.79
C ARG D 219 2.31 23.58 4.47
N LEU D 220 1.17 24.27 4.51
CA LEU D 220 -0.07 23.73 3.98
C LEU D 220 -0.01 23.62 2.44
N GLY D 221 -0.74 22.65 1.91
CA GLY D 221 -0.96 22.55 0.48
C GLY D 221 -1.92 23.62 0.01
N LYS D 222 -1.69 24.16 -1.19
CA LYS D 222 -2.60 25.13 -1.79
C LYS D 222 -3.74 24.38 -2.47
N PRO D 223 -4.98 24.83 -2.29
CA PRO D 223 -6.08 24.20 -3.01
C PRO D 223 -5.81 24.15 -4.53
N GLU D 224 -5.17 25.19 -5.07
CA GLU D 224 -4.77 25.22 -6.50
C GLU D 224 -3.82 24.08 -6.92
N GLU D 225 -3.00 23.60 -5.99
CA GLU D 225 -2.09 22.48 -6.27
C GLU D 225 -2.86 21.17 -6.48
N VAL D 226 -3.85 20.95 -5.60
CA VAL D 226 -4.70 19.79 -5.74
C VAL D 226 -5.53 19.92 -7.03
N ALA D 227 -6.04 21.12 -7.30
CA ALA D 227 -6.75 21.39 -8.55
C ALA D 227 -5.91 21.08 -9.77
N ALA D 228 -4.61 21.42 -9.74
CA ALA D 228 -3.67 21.07 -10.82
C ALA D 228 -3.58 19.55 -11.06
N LEU D 229 -3.53 18.80 -9.98
CA LEU D 229 -3.48 17.34 -10.12
C LEU D 229 -4.76 16.79 -10.72
N VAL D 230 -5.89 17.28 -10.25
CA VAL D 230 -7.18 16.87 -10.78
C VAL D 230 -7.23 17.18 -12.28
N ALA D 231 -6.75 18.36 -12.68
CA ALA D 231 -6.76 18.74 -14.09
C ALA D 231 -5.89 17.81 -14.90
N TYR D 232 -4.72 17.46 -14.36
CA TYR D 232 -3.84 16.49 -15.02
C TYR D 232 -4.64 15.18 -15.28
N LEU D 233 -5.29 14.66 -14.22
CA LEU D 233 -6.01 13.38 -14.33
C LEU D 233 -7.15 13.46 -15.38
N CYS D 234 -7.76 14.65 -15.51
CA CYS D 234 -8.85 14.87 -16.47
C CYS D 234 -8.40 15.15 -17.89
N SER D 235 -7.10 15.27 -18.10
CA SER D 235 -6.56 15.58 -19.41
C SER D 235 -6.58 14.39 -20.35
N GLU D 236 -6.47 14.71 -21.63
CA GLU D 236 -6.45 13.69 -22.66
C GLU D 236 -5.18 12.78 -22.50
N GLU D 237 -4.08 13.32 -21.96
CA GLU D 237 -2.80 12.61 -21.81
C GLU D 237 -2.74 11.61 -20.63
N ALA D 238 -3.74 11.65 -19.76
CA ALA D 238 -3.77 10.83 -18.53
C ALA D 238 -4.60 9.54 -18.73
N GLY D 239 -4.90 9.15 -19.96
CA GLY D 239 -5.75 7.98 -20.24
C GLY D 239 -5.23 6.62 -19.78
N PHE D 240 -3.93 6.52 -19.50
CA PHE D 240 -3.32 5.27 -19.06
C PHE D 240 -3.20 5.19 -17.53
N VAL D 241 -3.68 6.20 -16.83
CA VAL D 241 -3.73 6.19 -15.37
C VAL D 241 -5.14 5.84 -14.94
N THR D 242 -5.31 4.66 -14.34
CA THR D 242 -6.61 4.25 -13.81
C THR D 242 -6.50 3.31 -12.62
N GLY D 243 -7.47 3.41 -11.73
CA GLY D 243 -7.48 2.70 -10.48
C GLY D 243 -6.44 3.12 -9.48
N SER D 244 -5.86 4.30 -9.66
CA SER D 244 -4.76 4.74 -8.79
C SER D 244 -5.28 5.59 -7.62
N ASN D 245 -4.46 5.73 -6.59
CA ASN D 245 -4.70 6.66 -5.50
C ASN D 245 -3.47 7.54 -5.32
N ILE D 246 -3.59 8.81 -5.74
CA ILE D 246 -2.42 9.68 -5.79
C ILE D 246 -2.40 10.57 -4.56
N ALA D 247 -1.32 10.45 -3.82
CA ALA D 247 -1.11 11.20 -2.59
C ALA D 247 -0.55 12.59 -2.91
N ILE D 248 -1.19 13.63 -2.35
CA ILE D 248 -0.71 15.01 -2.51
C ILE D 248 -0.74 15.66 -1.11
N ASN D 249 0.31 15.36 -0.34
CA ASN D 249 0.27 15.58 1.11
C ASN D 249 1.54 16.16 1.72
N GLY D 250 2.46 16.66 0.89
CA GLY D 250 3.69 17.32 1.40
C GLY D 250 4.62 16.36 2.15
N GLY D 251 4.45 15.06 1.92
CA GLY D 251 5.19 14.00 2.59
C GLY D 251 4.64 13.54 3.91
N GLN D 252 3.46 14.04 4.29
CA GLN D 252 2.83 13.67 5.59
C GLN D 252 2.65 12.14 5.77
N HIS D 253 2.36 11.44 4.67
CA HIS D 253 2.27 9.99 4.69
C HIS D 253 2.90 9.45 3.41
N MET D 254 3.65 8.37 3.57
CA MET D 254 4.33 7.64 2.53
C MET D 254 4.13 6.13 2.78
N HIS D 255 4.17 5.32 1.73
CA HIS D 255 4.00 3.87 1.96
C HIS D 255 4.62 3.03 0.85
C5B NAP E . 22.66 -7.68 13.48
C4B NAP E . 22.92 -9.13 13.09
O4B NAP E . 23.33 -9.23 11.71
C3B NAP E . 24.01 -9.79 13.93
O3B NAP E . 23.45 -10.95 14.55
C2B NAP E . 25.14 -10.08 12.95
O2B NAP E . 25.87 -11.30 13.15
C1B NAP E . 24.42 -10.14 11.61
N9A NAP E . 25.29 -9.72 10.49
C8A NAP E . 25.53 -8.45 10.11
N7A NAP E . 26.36 -8.43 9.06
C5A NAP E . 26.67 -9.69 8.74
C6A NAP E . 27.51 -10.36 7.72
N6A NAP E . 28.18 -9.61 6.82
N1A NAP E . 27.55 -11.73 7.73
C2A NAP E . 26.87 -12.45 8.63
N3A NAP E . 26.08 -11.90 9.59
C4A NAP E . 25.95 -10.56 9.70
P2B NAP E . 26.89 -11.58 14.35
O1X NAP E . 26.01 -11.59 15.59
O2X NAP E . 27.87 -10.45 14.27
O3X NAP E . 27.49 -12.92 14.01
PA NAP F . -21.30 -16.86 4.50
O1A NAP F . -21.31 -18.33 4.91
O2A NAP F . -22.46 -16.39 3.65
O5B NAP F . -21.24 -16.03 5.87
C5B NAP F . -21.71 -14.68 5.92
C4B NAP F . -22.15 -14.45 7.35
O4B NAP F . -22.70 -13.13 7.43
C3B NAP F . -23.23 -15.44 7.77
O3B NAP F . -22.68 -16.27 8.80
C2B NAP F . -24.39 -14.55 8.21
O2B NAP F . -25.00 -14.98 9.44
C1B NAP F . -23.74 -13.17 8.38
N9A NAP F . -24.68 -12.05 8.13
C8A NAP F . -25.01 -11.53 6.94
N7A NAP F . -25.92 -10.53 7.09
C5A NAP F . -26.15 -10.40 8.43
C6A NAP F . -26.97 -9.52 9.31
N6A NAP F . -27.76 -8.56 8.76
N1A NAP F . -26.92 -9.71 10.65
C2A NAP F . -26.14 -10.67 11.22
N3A NAP F . -25.35 -11.48 10.49
C4A NAP F . -25.32 -11.39 9.12
O3 NAP F . -19.93 -16.51 3.72
PN NAP F . -18.43 -16.42 4.35
O1N NAP F . -17.50 -16.61 3.18
O2N NAP F . -18.27 -17.32 5.56
O5D NAP F . -18.49 -14.89 4.84
C5D NAP F . -17.88 -14.46 6.06
C4D NAP F . -16.94 -13.30 5.78
O4D NAP F . -15.82 -13.72 5.00
C3D NAP F . -17.59 -12.19 4.98
O3D NAP F . -17.35 -10.94 5.62
C2D NAP F . -16.91 -12.21 3.63
O2D NAP F . -16.85 -10.89 3.07
C1D NAP F . -15.54 -12.72 4.00
N1N NAP F . -14.72 -13.31 2.93
C2N NAP F . -14.98 -14.54 2.45
C3N NAP F . -14.19 -15.12 1.45
C7N NAP F . -14.46 -16.48 0.85
O7N NAP F . -13.78 -16.86 -0.11
N7N NAP F . -15.43 -17.28 1.33
C4N NAP F . -13.09 -14.40 0.96
C5N NAP F . -12.83 -13.13 1.49
C6N NAP F . -13.65 -12.61 2.49
P2B NAP F . -26.04 -16.22 9.48
O1X NAP F . -25.15 -17.37 9.04
O2X NAP F . -27.13 -15.94 8.48
O3X NAP F . -26.47 -16.25 10.95
PA NAP G . -15.70 22.47 2.44
O1A NAP G . -15.46 23.86 1.91
O2A NAP G . -16.46 22.25 3.71
O5B NAP G . -16.30 21.65 1.20
C5B NAP G . -17.18 20.55 1.35
C4B NAP G . -18.13 20.60 0.16
O4B NAP G . -19.08 19.52 0.31
C3B NAP G . -18.95 21.89 0.11
O3B NAP G . -18.58 22.61 -1.07
C2B NAP G . -20.42 21.42 0.18
O2B NAP G . -21.33 22.08 -0.69
C1B NAP G . -20.33 19.97 -0.18
N9A NAP G . -21.38 19.16 0.45
C8A NAP G . -21.38 18.71 1.72
N7A NAP G . -22.51 18.01 1.96
C5A NAP G . -23.23 18.01 0.82
C6A NAP G . -24.54 17.45 0.38
N6A NAP G . -25.27 16.72 1.26
N1A NAP G . -24.94 17.65 -0.90
C2A NAP G . -24.18 18.38 -1.74
N3A NAP G . -22.98 18.92 -1.40
C4A NAP G . -22.48 18.78 -0.16
O3 NAP G . -14.28 21.77 2.70
PN NAP G . -13.21 21.24 1.60
O1N NAP G . -11.91 21.07 2.33
O2N NAP G . -13.20 22.14 0.37
O5D NAP G . -13.81 19.81 1.19
C5D NAP G . -13.85 19.29 -0.14
C4D NAP G . -13.34 17.85 -0.18
O4D NAP G . -11.94 17.86 0.10
C3D NAP G . -13.97 16.94 0.89
O3D NAP G . -14.35 15.67 0.31
C2D NAP G . -12.88 16.77 1.92
O2D NAP G . -12.97 15.52 2.62
C1D NAP G . -11.64 16.83 1.05
N1N NAP G . -10.35 17.10 1.72
C2N NAP G . -10.05 18.32 2.22
C3N NAP G . -8.82 18.58 2.85
C7N NAP G . -8.45 19.94 3.41
O7N NAP G . -7.43 20.04 4.11
N7N NAP G . -9.20 21.02 3.14
C4N NAP G . -7.88 17.53 2.93
C5N NAP G . -8.22 16.29 2.39
C6N NAP G . -9.46 16.09 1.78
P2B NAP G . -21.84 23.59 -0.44
O1X NAP G . -22.60 23.54 0.84
O2X NAP G . -22.68 23.88 -1.65
O3X NAP G . -20.58 24.44 -0.31
#